data_5LNS
#
_entry.id   5LNS
#
_cell.length_a   176.728
_cell.length_b   176.728
_cell.length_c   114.646
_cell.angle_alpha   90.000
_cell.angle_beta   90.000
_cell.angle_gamma   120.000
#
_symmetry.space_group_name_H-M   'H 3'
#
loop_
_entity.id
_entity.type
_entity.pdbx_description
1 polymer "Pyridoxal 5'-phosphate synthase subunit PDX1.3"
2 non-polymer RIBULOSE-5-PHOSPHATE
3 non-polymer 'PHOSPHATE ION'
4 water water
#
_entity_poly.entity_id   1
_entity_poly.type   'polypeptide(L)'
_entity_poly.pdbx_seq_one_letter_code
;MEGTGVVAVYGNGAITEAKKSPFSVKVGLAQMLRGGVIMDVVNAEQARIAEEAGACAVMALERVPADIRAQGGVARMSDP
QMIKEIKQAVTIPVMAKARIGHFVEAQILEAIGIDYIDESEVLTLADEDHHINKHNFRIPFVCGCRNLGEALRRIREGAA
MIRTKGEAGTGNIIEAVRHVRSVNGDIRVLRNMDDDEVFTFAKKLAAPYDLVMQTKQLGRLPVVQFAAGGVATPADAALM
MQLGCDGVFVGSGIFKSGDPARRARAIVQAVTHYSDPEMLVEVSCGLGEAMVGINLNDEKVERFANRSEEHHHHHH
;
_entity_poly.pdbx_strand_id   A,B,C,D
#
# COMPACT_ATOMS: atom_id res chain seq x y z
N SER A 21 -11.34 -31.42 -5.71
CA SER A 21 -11.71 -31.39 -4.29
C SER A 21 -13.18 -31.02 -4.14
N PRO A 22 -13.79 -31.42 -3.02
CA PRO A 22 -15.17 -30.95 -2.77
C PRO A 22 -15.27 -29.44 -2.70
N PHE A 23 -14.28 -28.76 -2.11
CA PHE A 23 -14.32 -27.30 -2.08
C PHE A 23 -14.34 -26.73 -3.50
N SER A 24 -13.50 -27.27 -4.38
CA SER A 24 -13.46 -26.74 -5.74
C SER A 24 -14.80 -26.95 -6.46
N VAL A 25 -15.56 -27.99 -6.09
CA VAL A 25 -16.87 -28.20 -6.70
C VAL A 25 -17.83 -27.09 -6.27
N LYS A 26 -17.86 -26.77 -4.97
CA LYS A 26 -18.70 -25.69 -4.48
C LYS A 26 -18.31 -24.38 -5.15
N VAL A 27 -17.01 -24.11 -5.20
CA VAL A 27 -16.53 -22.90 -5.85
C VAL A 27 -16.97 -22.86 -7.30
N GLY A 28 -16.87 -24.01 -7.99
CA GLY A 28 -17.31 -24.08 -9.37
C GLY A 28 -18.81 -23.85 -9.51
N LEU A 29 -19.59 -24.35 -8.55
CA LEU A 29 -21.03 -24.23 -8.65
C LEU A 29 -21.47 -22.77 -8.61
N ALA A 30 -20.83 -21.96 -7.76
CA ALA A 30 -21.19 -20.55 -7.60
C ALA A 30 -20.90 -19.72 -8.84
N GLN A 31 -20.07 -20.22 -9.77
CA GLN A 31 -19.80 -19.50 -11.00
C GLN A 31 -21.08 -19.20 -11.78
N MET A 32 -22.11 -20.03 -11.64
CA MET A 32 -23.35 -19.80 -12.37
C MET A 32 -24.02 -18.49 -11.97
N LEU A 33 -23.69 -17.93 -10.80
CA LEU A 33 -24.31 -16.69 -10.38
C LEU A 33 -23.67 -15.45 -11.00
N ARG A 34 -22.54 -15.59 -11.70
CA ARG A 34 -21.89 -14.43 -12.28
C ARG A 34 -22.85 -13.70 -13.21
N GLY A 35 -22.83 -12.37 -13.15
CA GLY A 35 -23.76 -11.58 -13.93
C GLY A 35 -25.13 -11.43 -13.29
N GLY A 36 -25.29 -11.89 -12.06
CA GLY A 36 -26.60 -11.91 -11.45
C GLY A 36 -26.82 -10.95 -10.28
N VAL A 37 -28.09 -10.77 -9.94
CA VAL A 37 -28.51 -10.04 -8.76
C VAL A 37 -29.14 -11.05 -7.81
N ILE A 38 -28.70 -11.05 -6.56
CA ILE A 38 -29.33 -11.86 -5.53
C ILE A 38 -30.19 -10.94 -4.69
N MET A 39 -31.48 -11.27 -4.54
CA MET A 39 -32.42 -10.41 -3.86
C MET A 39 -32.91 -11.02 -2.56
N ASP A 40 -32.79 -10.26 -1.47
CA ASP A 40 -33.41 -10.65 -0.22
C ASP A 40 -34.92 -10.63 -0.37
N VAL A 41 -35.60 -11.67 0.10
CA VAL A 41 -37.06 -11.74 0.01
C VAL A 41 -37.60 -12.27 1.33
N VAL A 42 -38.73 -11.75 1.77
CA VAL A 42 -39.28 -12.11 3.08
C VAL A 42 -40.51 -12.97 2.98
N ASN A 43 -40.97 -13.29 1.77
CA ASN A 43 -42.11 -14.18 1.61
C ASN A 43 -42.09 -14.70 0.17
N ALA A 44 -43.05 -15.57 -0.14
CA ALA A 44 -43.05 -16.22 -1.44
C ALA A 44 -43.41 -15.25 -2.56
N GLU A 45 -44.29 -14.29 -2.29
CA GLU A 45 -44.65 -13.32 -3.33
C GLU A 45 -43.43 -12.52 -3.77
N GLN A 46 -42.65 -12.04 -2.80
CA GLN A 46 -41.44 -11.32 -3.13
C GLN A 46 -40.44 -12.21 -3.86
N ALA A 47 -40.32 -13.47 -3.44
CA ALA A 47 -39.48 -14.42 -4.14
C ALA A 47 -39.91 -14.55 -5.60
N ARG A 48 -41.22 -14.65 -5.84
CA ARG A 48 -41.70 -14.74 -7.22
C ARG A 48 -41.41 -13.46 -7.98
N ILE A 49 -41.61 -12.31 -7.34
CA ILE A 49 -41.24 -11.03 -7.97
C ILE A 49 -39.76 -11.04 -8.35
N ALA A 50 -38.91 -11.46 -7.42
CA ALA A 50 -37.47 -11.51 -7.69
C ALA A 50 -37.16 -12.39 -8.88
N GLU A 51 -37.72 -13.61 -8.89
CA GLU A 51 -37.42 -14.52 -9.99
C GLU A 51 -37.93 -13.97 -11.31
N GLU A 52 -39.16 -13.45 -11.32
CA GLU A 52 -39.72 -12.89 -12.54
C GLU A 52 -38.95 -11.66 -13.01
N ALA A 53 -38.30 -10.95 -12.09
CA ALA A 53 -37.47 -9.82 -12.45
C ALA A 53 -36.13 -10.23 -13.03
N GLY A 54 -35.78 -11.51 -12.97
CA GLY A 54 -34.52 -12.00 -13.49
C GLY A 54 -33.43 -12.18 -12.46
N ALA A 55 -33.78 -12.20 -11.18
CA ALA A 55 -32.79 -12.46 -10.13
C ALA A 55 -32.12 -13.81 -10.38
N CYS A 56 -30.82 -13.90 -10.09
CA CYS A 56 -30.16 -15.18 -10.26
C CYS A 56 -30.37 -16.08 -9.05
N ALA A 57 -30.83 -15.52 -7.94
CA ALA A 57 -31.05 -16.28 -6.71
C ALA A 57 -31.79 -15.37 -5.75
N VAL A 58 -32.42 -15.96 -4.73
CA VAL A 58 -33.03 -15.17 -3.69
C VAL A 58 -32.39 -15.51 -2.36
N MET A 59 -32.42 -14.55 -1.46
CA MET A 59 -31.95 -14.69 -0.09
C MET A 59 -33.19 -14.66 0.79
N ALA A 60 -33.56 -15.81 1.34
CA ALA A 60 -34.78 -15.91 2.13
C ALA A 60 -34.49 -15.48 3.57
N LEU A 61 -35.26 -14.53 4.08
CA LEU A 61 -35.08 -14.11 5.46
C LEU A 61 -36.35 -13.44 5.96
N GLU A 62 -36.53 -13.46 7.28
CA GLU A 62 -37.74 -12.87 7.85
C GLU A 62 -37.71 -11.34 7.80
N ARG A 63 -36.52 -10.72 7.89
CA ARG A 63 -36.41 -9.26 7.88
C ARG A 63 -35.20 -8.84 7.07
N VAL A 64 -35.37 -7.86 6.19
CA VAL A 64 -34.25 -7.35 5.39
C VAL A 64 -33.35 -6.49 6.28
N PRO A 65 -32.10 -6.24 5.88
CA PRO A 65 -31.17 -5.49 6.74
C PRO A 65 -31.68 -4.14 7.22
N ALA A 66 -32.34 -3.36 6.35
CA ALA A 66 -32.86 -2.06 6.78
C ALA A 66 -33.80 -2.22 7.97
N ASP A 67 -34.61 -3.27 7.97
CA ASP A 67 -35.54 -3.51 9.08
C ASP A 67 -34.84 -4.04 10.32
N ILE A 68 -33.85 -4.92 10.15
CA ILE A 68 -33.06 -5.37 11.29
C ILE A 68 -32.40 -4.18 11.97
N ARG A 69 -31.77 -3.32 11.16
CA ARG A 69 -31.11 -2.13 11.70
C ARG A 69 -32.10 -1.22 12.42
N ALA A 70 -33.30 -1.06 11.86
CA ALA A 70 -34.25 -0.13 12.45
C ALA A 70 -34.86 -0.67 13.73
N GLN A 71 -35.17 -1.96 13.77
CA GLN A 71 -35.91 -2.55 14.87
C GLN A 71 -35.03 -3.04 16.00
N GLY A 72 -33.77 -3.36 15.72
CA GLY A 72 -32.96 -3.93 16.77
C GLY A 72 -33.48 -5.31 17.18
N GLY A 73 -33.16 -5.69 18.41
CA GLY A 73 -33.37 -7.05 18.87
C GLY A 73 -32.34 -8.00 18.29
N VAL A 74 -32.43 -9.25 18.68
CA VAL A 74 -31.54 -10.27 18.18
C VAL A 74 -32.07 -10.79 16.84
N ALA A 75 -31.23 -10.81 15.83
CA ALA A 75 -31.60 -11.27 14.49
C ALA A 75 -30.94 -12.62 14.26
N ARG A 76 -31.75 -13.63 13.93
CA ARG A 76 -31.28 -15.01 13.88
C ARG A 76 -31.64 -15.65 12.55
N MET A 77 -31.20 -16.89 12.37
CA MET A 77 -31.70 -17.74 11.29
C MET A 77 -33.22 -17.65 11.22
N SER A 78 -33.75 -17.62 10.00
CA SER A 78 -35.18 -17.56 9.83
C SER A 78 -35.80 -18.94 10.08
N ASP A 79 -37.09 -18.92 10.40
CA ASP A 79 -37.83 -20.14 10.63
C ASP A 79 -37.75 -21.02 9.39
N PRO A 80 -37.38 -22.30 9.52
CA PRO A 80 -37.33 -23.18 8.34
C PRO A 80 -38.63 -23.21 7.56
N GLN A 81 -39.76 -22.98 8.22
CA GLN A 81 -41.04 -22.99 7.51
C GLN A 81 -41.06 -21.91 6.42
N MET A 82 -40.66 -20.68 6.77
CA MET A 82 -40.75 -19.61 5.78
C MET A 82 -39.69 -19.78 4.70
N ILE A 83 -38.55 -20.39 5.05
CA ILE A 83 -37.54 -20.66 4.05
C ILE A 83 -38.04 -21.70 3.06
N LYS A 84 -38.66 -22.76 3.57
CA LYS A 84 -39.21 -23.78 2.69
C LYS A 84 -40.29 -23.21 1.77
N GLU A 85 -41.13 -22.32 2.31
CA GLU A 85 -42.14 -21.68 1.45
C GLU A 85 -41.49 -20.92 0.30
N ILE A 86 -40.40 -20.20 0.57
CA ILE A 86 -39.75 -19.45 -0.50
C ILE A 86 -39.08 -20.42 -1.47
N LYS A 87 -38.42 -21.45 -0.96
CA LYS A 87 -37.79 -22.46 -1.81
C LYS A 87 -38.81 -23.13 -2.73
N GLN A 88 -40.01 -23.39 -2.22
CA GLN A 88 -41.04 -24.01 -3.05
C GLN A 88 -41.62 -23.04 -4.07
N ALA A 89 -41.45 -21.73 -3.88
CA ALA A 89 -42.07 -20.76 -4.78
C ALA A 89 -41.20 -20.40 -5.97
N VAL A 90 -39.92 -20.78 -5.98
CA VAL A 90 -39.02 -20.35 -7.04
C VAL A 90 -38.22 -21.55 -7.54
N THR A 91 -37.71 -21.41 -8.76
CA THR A 91 -36.82 -22.43 -9.31
C THR A 91 -35.37 -22.00 -9.29
N ILE A 92 -35.09 -20.71 -9.07
CA ILE A 92 -33.72 -20.23 -8.93
C ILE A 92 -33.16 -20.62 -7.56
N PRO A 93 -31.84 -20.62 -7.37
CA PRO A 93 -31.28 -21.01 -6.08
C PRO A 93 -31.79 -20.15 -4.93
N VAL A 94 -31.84 -20.74 -3.76
CA VAL A 94 -32.30 -20.06 -2.55
C VAL A 94 -31.18 -20.08 -1.54
N MET A 95 -30.82 -18.91 -1.03
CA MET A 95 -29.87 -18.75 0.05
C MET A 95 -30.61 -18.37 1.31
N ALA A 96 -29.96 -18.60 2.46
CA ALA A 96 -30.49 -18.13 3.72
C ALA A 96 -29.33 -17.81 4.63
N LYS A 97 -29.59 -17.00 5.65
N LYS A 97 -29.58 -16.99 5.65
CA LYS A 97 -28.54 -16.49 6.52
CA LYS A 97 -28.51 -16.48 6.49
C LYS A 97 -28.43 -17.32 7.79
C LYS A 97 -28.42 -17.26 7.80
N ALA A 98 -27.20 -17.50 8.24
CA ALA A 98 -26.91 -18.01 9.56
C ALA A 98 -26.06 -16.96 10.28
N ARG A 99 -26.24 -16.87 11.59
CA ARG A 99 -25.42 -15.99 12.39
C ARG A 99 -23.97 -16.44 12.32
N ILE A 100 -23.06 -15.46 12.36
CA ILE A 100 -21.64 -15.78 12.31
C ILE A 100 -21.30 -16.68 13.48
N GLY A 101 -20.67 -17.82 13.18
CA GLY A 101 -20.30 -18.78 14.19
C GLY A 101 -21.39 -19.73 14.60
N HIS A 102 -22.62 -19.56 14.12
CA HIS A 102 -23.71 -20.41 14.56
C HIS A 102 -23.78 -21.62 13.62
N PHE A 103 -22.89 -22.57 13.87
CA PHE A 103 -22.80 -23.71 12.96
C PHE A 103 -24.03 -24.60 13.04
N VAL A 104 -24.80 -24.52 14.12
CA VAL A 104 -26.01 -25.35 14.16
C VAL A 104 -27.12 -24.72 13.33
N GLU A 105 -27.25 -23.38 13.36
CA GLU A 105 -28.14 -22.74 12.40
C GLU A 105 -27.80 -23.20 10.98
N ALA A 106 -26.50 -23.27 10.66
CA ALA A 106 -26.10 -23.70 9.33
C ALA A 106 -26.45 -25.17 9.09
N GLN A 107 -26.32 -26.02 10.10
CA GLN A 107 -26.72 -27.42 9.93
C GLN A 107 -28.19 -27.54 9.60
N ILE A 108 -29.01 -26.71 10.24
CA ILE A 108 -30.44 -26.71 9.99
C ILE A 108 -30.73 -26.25 8.57
N LEU A 109 -30.11 -25.14 8.17
CA LEU A 109 -30.32 -24.63 6.82
C LEU A 109 -29.91 -25.65 5.78
N GLU A 110 -28.78 -26.32 6.00
CA GLU A 110 -28.35 -27.35 5.07
C GLU A 110 -29.37 -28.47 4.99
N ALA A 111 -29.91 -28.87 6.13
CA ALA A 111 -30.91 -29.95 6.14
C ALA A 111 -32.21 -29.55 5.47
N ILE A 112 -32.53 -28.26 5.42
CA ILE A 112 -33.69 -27.79 4.64
C ILE A 112 -33.48 -28.06 3.16
N GLY A 113 -32.22 -28.15 2.72
CA GLY A 113 -31.94 -28.33 1.32
C GLY A 113 -31.91 -27.06 0.51
N ILE A 114 -31.56 -25.94 1.11
CA ILE A 114 -31.39 -24.73 0.31
C ILE A 114 -30.03 -24.82 -0.37
N ASP A 115 -29.70 -23.80 -1.15
CA ASP A 115 -28.58 -23.92 -2.05
C ASP A 115 -27.31 -23.28 -1.53
N TYR A 116 -27.44 -22.20 -0.74
CA TYR A 116 -26.29 -21.50 -0.18
C TYR A 116 -26.64 -21.02 1.21
N ILE A 117 -25.63 -20.96 2.07
CA ILE A 117 -25.76 -20.31 3.36
C ILE A 117 -24.89 -19.06 3.35
N ASP A 118 -25.48 -17.95 3.74
CA ASP A 118 -24.75 -16.71 3.92
C ASP A 118 -24.46 -16.59 5.42
N GLU A 119 -23.21 -16.79 5.80
CA GLU A 119 -22.83 -16.57 7.20
C GLU A 119 -22.71 -15.07 7.37
N SER A 120 -23.73 -14.44 7.92
CA SER A 120 -23.97 -13.03 7.68
C SER A 120 -23.80 -12.18 8.93
N GLU A 121 -23.05 -11.10 8.79
CA GLU A 121 -22.89 -10.07 9.81
C GLU A 121 -24.14 -9.23 9.99
N VAL A 122 -25.13 -9.36 9.10
CA VAL A 122 -26.38 -8.63 9.30
C VAL A 122 -27.18 -9.23 10.43
N LEU A 123 -27.09 -10.55 10.62
CA LEU A 123 -27.67 -11.17 11.80
C LEU A 123 -26.78 -10.89 13.01
N THR A 124 -27.33 -11.13 14.19
CA THR A 124 -26.59 -10.88 15.42
C THR A 124 -25.43 -11.87 15.54
N LEU A 125 -24.23 -11.35 15.74
CA LEU A 125 -23.06 -12.22 15.92
C LEU A 125 -23.32 -13.26 17.02
N ALA A 126 -23.05 -14.52 16.72
CA ALA A 126 -23.20 -15.57 17.72
C ALA A 126 -21.88 -16.04 18.33
N ASP A 127 -20.77 -15.82 17.63
CA ASP A 127 -19.45 -16.20 18.13
C ASP A 127 -18.53 -15.06 17.77
N GLU A 128 -18.06 -14.33 18.79
CA GLU A 128 -17.26 -13.14 18.52
C GLU A 128 -15.89 -13.50 17.97
N ASP A 129 -15.42 -14.72 18.19
CA ASP A 129 -14.04 -15.06 17.89
C ASP A 129 -13.86 -16.03 16.74
N HIS A 130 -14.91 -16.75 16.34
CA HIS A 130 -14.74 -17.78 15.33
C HIS A 130 -15.92 -17.77 14.38
N HIS A 131 -15.63 -17.95 13.10
CA HIS A 131 -16.68 -18.20 12.13
C HIS A 131 -16.95 -19.70 12.04
N ILE A 132 -18.01 -20.04 11.33
CA ILE A 132 -18.33 -21.44 11.09
C ILE A 132 -17.22 -22.10 10.28
N ASN A 133 -16.89 -23.33 10.65
CA ASN A 133 -15.99 -24.16 9.86
C ASN A 133 -16.78 -24.66 8.67
N LYS A 134 -16.75 -23.88 7.60
CA LYS A 134 -17.66 -24.15 6.48
C LYS A 134 -17.24 -25.37 5.67
N HIS A 135 -15.99 -25.82 5.81
CA HIS A 135 -15.59 -27.07 5.18
C HIS A 135 -16.31 -28.28 5.74
N ASN A 136 -16.93 -28.17 6.92
CA ASN A 136 -17.69 -29.30 7.46
C ASN A 136 -19.01 -29.53 6.76
N PHE A 137 -19.38 -28.67 5.81
CA PHE A 137 -20.69 -28.69 5.20
C PHE A 137 -20.62 -29.11 3.74
N ARG A 138 -21.70 -29.70 3.25
CA ARG A 138 -21.77 -29.98 1.82
C ARG A 138 -22.26 -28.75 1.05
N ILE A 139 -23.11 -27.94 1.67
CA ILE A 139 -23.71 -26.77 1.04
C ILE A 139 -22.69 -25.64 0.95
N PRO A 140 -22.62 -24.91 -0.15
CA PRO A 140 -21.67 -23.80 -0.24
C PRO A 140 -22.11 -22.61 0.60
N PHE A 141 -21.12 -21.87 1.08
CA PHE A 141 -21.32 -20.68 1.91
C PHE A 141 -20.90 -19.42 1.18
N VAL A 142 -21.63 -18.34 1.44
CA VAL A 142 -21.21 -16.98 1.14
C VAL A 142 -20.79 -16.32 2.44
N CYS A 143 -19.67 -15.60 2.43
CA CYS A 143 -19.26 -14.78 3.56
C CYS A 143 -18.98 -13.37 3.08
N GLY A 144 -19.10 -12.42 4.03
CA GLY A 144 -18.79 -11.03 3.72
C GLY A 144 -17.33 -10.71 4.00
N CYS A 145 -16.91 -9.56 3.49
CA CYS A 145 -15.57 -9.08 3.80
C CYS A 145 -15.54 -7.58 3.63
N ARG A 146 -14.51 -6.98 4.20
N ARG A 146 -14.52 -6.97 4.22
CA ARG A 146 -14.22 -5.57 4.00
CA ARG A 146 -14.21 -5.57 4.04
C ARG A 146 -12.89 -5.35 3.28
C ARG A 146 -12.86 -5.34 3.38
N ASN A 147 -12.07 -6.39 3.17
CA ASN A 147 -10.72 -6.26 2.63
C ASN A 147 -10.27 -7.66 2.22
N LEU A 148 -9.12 -7.71 1.56
CA LEU A 148 -8.69 -8.98 0.98
C LEU A 148 -8.34 -10.01 2.04
N GLY A 149 -7.68 -9.57 3.12
CA GLY A 149 -7.32 -10.52 4.17
C GLY A 149 -8.54 -11.19 4.77
N GLU A 150 -9.59 -10.41 5.02
N GLU A 150 -9.59 -10.41 5.04
CA GLU A 150 -10.84 -10.96 5.53
CA GLU A 150 -10.84 -10.98 5.53
C GLU A 150 -11.45 -11.95 4.54
C GLU A 150 -11.42 -11.97 4.53
N ALA A 151 -11.46 -11.58 3.25
CA ALA A 151 -11.99 -12.46 2.22
C ALA A 151 -11.23 -13.79 2.20
N LEU A 152 -9.91 -13.72 2.24
CA LEU A 152 -9.13 -14.94 2.15
C LEU A 152 -9.29 -15.78 3.42
N ARG A 153 -9.42 -15.14 4.58
CA ARG A 153 -9.68 -15.92 5.80
C ARG A 153 -11.01 -16.63 5.72
N ARG A 154 -12.05 -15.95 5.23
CA ARG A 154 -13.34 -16.61 5.04
C ARG A 154 -13.21 -17.76 4.05
N ILE A 155 -12.48 -17.54 2.96
CA ILE A 155 -12.31 -18.60 1.98
C ILE A 155 -11.62 -19.80 2.60
N ARG A 156 -10.59 -19.56 3.41
CA ARG A 156 -9.85 -20.68 4.00
C ARG A 156 -10.74 -21.47 4.95
N GLU A 157 -11.65 -20.80 5.64
CA GLU A 157 -12.64 -21.47 6.47
C GLU A 157 -13.64 -22.25 5.63
N GLY A 158 -13.69 -21.99 4.34
CA GLY A 158 -14.50 -22.80 3.44
C GLY A 158 -15.56 -22.03 2.70
N ALA A 159 -15.55 -20.69 2.76
CA ALA A 159 -16.51 -19.93 1.96
C ALA A 159 -16.26 -20.18 0.47
N ALA A 160 -17.32 -20.53 -0.26
CA ALA A 160 -17.21 -20.78 -1.69
C ALA A 160 -17.51 -19.53 -2.51
N MET A 161 -17.87 -18.44 -1.84
CA MET A 161 -18.29 -17.22 -2.50
C MET A 161 -18.13 -16.09 -1.50
N ILE A 162 -17.73 -14.92 -2.00
CA ILE A 162 -17.45 -13.77 -1.16
C ILE A 162 -18.28 -12.59 -1.63
N ARG A 163 -18.76 -11.81 -0.68
CA ARG A 163 -19.40 -10.54 -0.98
C ARG A 163 -18.78 -9.49 -0.08
N THR A 164 -18.87 -8.23 -0.49
CA THR A 164 -18.51 -7.18 0.44
C THR A 164 -19.55 -7.11 1.55
N LYS A 165 -19.15 -6.52 2.66
CA LYS A 165 -20.12 -6.23 3.71
C LYS A 165 -20.87 -4.95 3.39
N GLY A 166 -20.17 -3.94 2.88
CA GLY A 166 -20.77 -2.63 2.76
C GLY A 166 -21.31 -2.16 4.09
N GLU A 167 -22.37 -1.37 4.03
CA GLU A 167 -23.12 -0.88 5.18
C GLU A 167 -24.54 -1.40 4.96
N ALA A 168 -24.85 -2.61 5.43
CA ALA A 168 -26.11 -3.22 5.05
C ALA A 168 -27.30 -2.42 5.55
N GLY A 169 -28.31 -2.27 4.70
CA GLY A 169 -29.55 -1.68 5.11
C GLY A 169 -29.61 -0.17 5.10
N THR A 170 -28.53 0.51 4.73
CA THR A 170 -28.50 1.97 4.72
C THR A 170 -28.83 2.59 3.36
N GLY A 171 -28.86 1.80 2.29
CA GLY A 171 -29.02 2.40 0.97
C GLY A 171 -27.86 3.28 0.54
N ASN A 172 -26.75 3.22 1.26
CA ASN A 172 -25.58 4.04 1.00
C ASN A 172 -24.46 3.12 0.54
N ILE A 173 -23.98 3.31 -0.69
CA ILE A 173 -22.96 2.40 -1.23
C ILE A 173 -21.56 2.75 -0.82
N ILE A 174 -21.35 3.82 -0.04
CA ILE A 174 -19.98 4.29 0.18
C ILE A 174 -19.10 3.19 0.77
N GLU A 175 -19.61 2.42 1.74
CA GLU A 175 -18.75 1.41 2.34
C GLU A 175 -18.54 0.23 1.39
N ALA A 176 -19.58 -0.12 0.61
CA ALA A 176 -19.39 -1.18 -0.38
C ALA A 176 -18.33 -0.78 -1.40
N VAL A 177 -18.36 0.48 -1.83
CA VAL A 177 -17.31 0.96 -2.73
C VAL A 177 -15.95 0.82 -2.07
N ARG A 178 -15.85 1.21 -0.80
CA ARG A 178 -14.58 1.09 -0.09
C ARG A 178 -14.10 -0.35 -0.08
N HIS A 179 -15.02 -1.28 0.19
CA HIS A 179 -14.63 -2.68 0.30
C HIS A 179 -14.24 -3.25 -1.05
N VAL A 180 -15.02 -2.95 -2.09
CA VAL A 180 -14.67 -3.40 -3.43
C VAL A 180 -13.31 -2.86 -3.83
N ARG A 181 -13.11 -1.56 -3.64
CA ARG A 181 -11.82 -0.98 -4.04
C ARG A 181 -10.68 -1.54 -3.19
N SER A 182 -10.95 -1.84 -1.92
CA SER A 182 -9.91 -2.40 -1.07
C SER A 182 -9.51 -3.80 -1.56
N VAL A 183 -10.50 -4.69 -1.72
CA VAL A 183 -10.22 -6.04 -2.20
C VAL A 183 -9.55 -5.99 -3.57
N ASN A 184 -10.16 -5.28 -4.52
CA ASN A 184 -9.62 -5.25 -5.87
C ASN A 184 -8.25 -4.61 -5.89
N GLY A 185 -8.08 -3.54 -5.11
CA GLY A 185 -6.82 -2.82 -5.11
C GLY A 185 -5.67 -3.66 -4.61
N ASP A 186 -5.91 -4.42 -3.53
CA ASP A 186 -4.87 -5.30 -3.00
C ASP A 186 -4.61 -6.49 -3.92
N ILE A 187 -5.64 -7.01 -4.59
CA ILE A 187 -5.39 -8.04 -5.58
C ILE A 187 -4.49 -7.50 -6.69
N ARG A 188 -4.76 -6.28 -7.15
CA ARG A 188 -3.92 -5.69 -8.20
C ARG A 188 -2.51 -5.45 -7.73
N VAL A 189 -2.36 -4.97 -6.50
CA VAL A 189 -1.04 -4.83 -5.91
C VAL A 189 -0.36 -6.18 -5.87
N LEU A 190 -1.10 -7.20 -5.40
CA LEU A 190 -0.52 -8.52 -5.23
C LEU A 190 -0.05 -9.10 -6.56
N ARG A 191 -0.83 -8.87 -7.63
CA ARG A 191 -0.52 -9.40 -8.95
C ARG A 191 0.91 -9.14 -9.36
N ASN A 192 1.38 -7.92 -9.13
CA ASN A 192 2.64 -7.42 -9.63
C ASN A 192 3.75 -7.44 -8.58
N MET A 193 3.43 -7.87 -7.36
CA MET A 193 4.36 -7.78 -6.25
C MET A 193 5.56 -8.69 -6.44
N ASP A 194 6.74 -8.21 -6.06
CA ASP A 194 7.90 -9.08 -5.88
C ASP A 194 7.49 -10.31 -5.08
N ASP A 195 7.78 -11.50 -5.63
CA ASP A 195 7.42 -12.74 -4.94
C ASP A 195 7.99 -12.78 -3.53
N ASP A 196 9.17 -12.21 -3.33
CA ASP A 196 9.82 -12.31 -2.04
C ASP A 196 9.11 -11.46 -0.99
N GLU A 197 8.30 -10.50 -1.41
CA GLU A 197 7.58 -9.64 -0.48
C GLU A 197 6.22 -10.22 -0.11
N VAL A 198 5.81 -11.31 -0.75
CA VAL A 198 4.45 -11.80 -0.54
C VAL A 198 4.32 -12.44 0.84
N PHE A 199 5.39 -13.02 1.38
CA PHE A 199 5.30 -13.57 2.73
C PHE A 199 4.90 -12.49 3.73
N THR A 200 5.58 -11.35 3.70
CA THR A 200 5.24 -10.25 4.59
C THR A 200 3.86 -9.68 4.27
N PHE A 201 3.50 -9.63 2.99
CA PHE A 201 2.16 -9.19 2.63
C PHE A 201 1.10 -10.09 3.24
N ALA A 202 1.30 -11.42 3.14
CA ALA A 202 0.36 -12.35 3.77
C ALA A 202 0.26 -12.13 5.26
N LYS A 203 1.40 -11.86 5.91
CA LYS A 203 1.38 -11.58 7.34
C LYS A 203 0.59 -10.32 7.62
N LYS A 204 0.82 -9.29 6.82
CA LYS A 204 0.14 -8.02 7.03
C LYS A 204 -1.35 -8.14 6.80
N LEU A 205 -1.76 -8.95 5.82
CA LEU A 205 -3.16 -9.26 5.61
C LEU A 205 -3.75 -10.19 6.66
N ALA A 206 -2.91 -10.80 7.49
CA ALA A 206 -3.32 -11.90 8.35
C ALA A 206 -4.12 -12.93 7.56
N ALA A 207 -3.62 -13.26 6.38
CA ALA A 207 -4.27 -14.19 5.46
C ALA A 207 -3.36 -15.38 5.20
N PRO A 208 -3.94 -16.55 4.91
CA PRO A 208 -3.13 -17.75 4.62
C PRO A 208 -2.28 -17.56 3.38
N TYR A 209 -0.96 -17.76 3.53
CA TYR A 209 -0.04 -17.49 2.44
C TYR A 209 -0.44 -18.24 1.16
N ASP A 210 -0.80 -19.52 1.27
CA ASP A 210 -1.12 -20.28 0.06
C ASP A 210 -2.28 -19.65 -0.71
N LEU A 211 -3.29 -19.15 0.00
CA LEU A 211 -4.39 -18.47 -0.66
C LEU A 211 -3.95 -17.15 -1.25
N VAL A 212 -3.06 -16.45 -0.56
CA VAL A 212 -2.53 -15.22 -1.10
C VAL A 212 -1.82 -15.50 -2.42
N MET A 213 -1.01 -16.55 -2.46
CA MET A 213 -0.31 -16.88 -3.70
C MET A 213 -1.26 -17.33 -4.79
N GLN A 214 -2.29 -18.09 -4.44
CA GLN A 214 -3.27 -18.48 -5.45
C GLN A 214 -3.96 -17.25 -6.03
N THR A 215 -4.31 -16.29 -5.16
CA THR A 215 -4.88 -15.03 -5.63
C THR A 215 -3.93 -14.27 -6.53
N LYS A 216 -2.64 -14.24 -6.16
CA LYS A 216 -1.64 -13.60 -7.02
C LYS A 216 -1.60 -14.27 -8.38
N GLN A 217 -1.58 -15.60 -8.41
CA GLN A 217 -1.47 -16.32 -9.67
C GLN A 217 -2.71 -16.14 -10.54
N LEU A 218 -3.89 -16.13 -9.92
CA LEU A 218 -5.12 -15.94 -10.68
C LEU A 218 -5.33 -14.50 -11.12
N GLY A 219 -4.81 -13.54 -10.35
CA GLY A 219 -5.12 -12.15 -10.64
C GLY A 219 -6.51 -11.74 -10.23
N ARG A 220 -7.17 -12.55 -9.41
N ARG A 220 -7.15 -12.53 -9.38
CA ARG A 220 -8.49 -12.21 -8.88
CA ARG A 220 -8.52 -12.31 -8.94
C ARG A 220 -8.76 -13.13 -7.70
C ARG A 220 -8.75 -13.12 -7.69
N LEU A 221 -9.87 -12.87 -7.03
CA LEU A 221 -10.24 -13.69 -5.90
C LEU A 221 -10.48 -15.14 -6.37
N PRO A 222 -10.08 -16.14 -5.59
CA PRO A 222 -10.26 -17.53 -6.03
C PRO A 222 -11.71 -17.98 -6.04
N VAL A 223 -12.65 -17.15 -5.59
CA VAL A 223 -14.06 -17.49 -5.59
C VAL A 223 -14.82 -16.33 -6.20
N VAL A 224 -16.08 -16.61 -6.57
CA VAL A 224 -16.96 -15.55 -7.03
C VAL A 224 -17.01 -14.41 -6.02
N GLN A 225 -17.02 -13.18 -6.52
CA GLN A 225 -16.94 -11.98 -5.67
C GLN A 225 -18.08 -11.04 -6.01
N PHE A 226 -19.03 -10.88 -5.09
CA PHE A 226 -20.20 -10.03 -5.30
C PHE A 226 -20.08 -8.74 -4.50
N ALA A 227 -20.72 -7.69 -4.99
CA ALA A 227 -20.91 -6.50 -4.20
C ALA A 227 -22.17 -6.64 -3.37
N ALA A 228 -22.16 -6.04 -2.18
CA ALA A 228 -23.29 -6.12 -1.28
C ALA A 228 -23.20 -5.00 -0.26
N GLY A 229 -24.36 -4.46 0.12
CA GLY A 229 -24.46 -3.46 1.16
C GLY A 229 -24.77 -2.10 0.60
N GLY A 230 -26.02 -1.68 0.73
CA GLY A 230 -26.40 -0.33 0.34
C GLY A 230 -26.70 -0.13 -1.13
N VAL A 231 -26.66 -1.20 -1.94
CA VAL A 231 -26.97 -1.05 -3.37
C VAL A 231 -28.44 -0.68 -3.49
N ALA A 232 -28.72 0.54 -3.92
CA ALA A 232 -30.07 1.06 -3.91
C ALA A 232 -30.65 1.38 -5.28
N THR A 233 -29.81 1.67 -6.26
CA THR A 233 -30.29 2.11 -7.56
C THR A 233 -29.63 1.29 -8.67
N PRO A 234 -30.20 1.30 -9.87
CA PRO A 234 -29.50 0.69 -11.00
C PRO A 234 -28.10 1.26 -11.18
N ALA A 235 -27.93 2.57 -11.00
CA ALA A 235 -26.59 3.16 -11.10
C ALA A 235 -25.64 2.52 -10.09
N ASP A 236 -26.09 2.35 -8.85
CA ASP A 236 -25.28 1.67 -7.84
C ASP A 236 -24.83 0.30 -8.30
N ALA A 237 -25.78 -0.50 -8.80
CA ALA A 237 -25.46 -1.87 -9.20
C ALA A 237 -24.46 -1.90 -10.34
N ALA A 238 -24.68 -1.06 -11.36
CA ALA A 238 -23.77 -1.05 -12.49
C ALA A 238 -22.40 -0.52 -12.08
N LEU A 239 -22.37 0.41 -11.10
CA LEU A 239 -21.08 0.87 -10.60
C LEU A 239 -20.29 -0.27 -9.98
N MET A 240 -20.94 -1.12 -9.17
CA MET A 240 -20.24 -2.28 -8.61
C MET A 240 -19.70 -3.18 -9.70
N MET A 241 -20.50 -3.41 -10.74
CA MET A 241 -20.03 -4.26 -11.84
C MET A 241 -18.85 -3.62 -12.56
N GLN A 242 -18.89 -2.30 -12.77
CA GLN A 242 -17.78 -1.64 -13.44
C GLN A 242 -16.53 -1.63 -12.58
N LEU A 243 -16.69 -1.64 -11.24
CA LEU A 243 -15.53 -1.75 -10.37
C LEU A 243 -14.91 -3.15 -10.43
N GLY A 244 -15.64 -4.16 -10.89
CA GLY A 244 -15.06 -5.45 -11.16
C GLY A 244 -15.77 -6.61 -10.47
N CYS A 245 -16.93 -6.37 -9.88
CA CYS A 245 -17.61 -7.43 -9.16
C CYS A 245 -18.29 -8.39 -10.13
N ASP A 246 -18.59 -9.59 -9.63
CA ASP A 246 -19.23 -10.62 -10.43
C ASP A 246 -20.75 -10.53 -10.40
N GLY A 247 -21.30 -9.71 -9.51
CA GLY A 247 -22.73 -9.63 -9.32
C GLY A 247 -22.98 -8.83 -8.07
N VAL A 248 -24.26 -8.67 -7.73
CA VAL A 248 -24.60 -7.85 -6.58
C VAL A 248 -25.72 -8.50 -5.78
N PHE A 249 -25.66 -8.29 -4.47
CA PHE A 249 -26.77 -8.53 -3.57
C PHE A 249 -27.57 -7.25 -3.40
N VAL A 250 -28.88 -7.36 -3.35
CA VAL A 250 -29.73 -6.24 -2.97
C VAL A 250 -30.65 -6.77 -1.87
N GLY A 251 -30.46 -6.25 -0.65
CA GLY A 251 -31.22 -6.73 0.48
C GLY A 251 -32.44 -5.89 0.75
N SER A 252 -32.22 -4.58 0.90
CA SER A 252 -33.28 -3.68 1.29
C SER A 252 -33.77 -2.78 0.17
N GLY A 253 -32.89 -2.47 -0.78
CA GLY A 253 -33.16 -1.41 -1.74
C GLY A 253 -34.33 -1.69 -2.66
N ILE A 254 -34.75 -2.95 -2.79
CA ILE A 254 -35.83 -3.26 -3.73
C ILE A 254 -37.18 -3.20 -3.03
N PHE A 255 -37.34 -3.97 -1.96
CA PHE A 255 -38.66 -4.03 -1.35
C PHE A 255 -38.86 -2.95 -0.29
N LYS A 256 -37.84 -2.16 0.01
CA LYS A 256 -38.04 -0.92 0.76
C LYS A 256 -38.21 0.30 -0.15
N SER A 257 -38.30 0.10 -1.46
CA SER A 257 -38.50 1.20 -2.40
C SER A 257 -39.97 1.32 -2.79
N GLY A 258 -40.27 2.37 -3.56
CA GLY A 258 -41.65 2.67 -3.91
C GLY A 258 -42.23 1.72 -4.93
N ASP A 259 -41.41 1.19 -5.84
CA ASP A 259 -41.88 0.27 -6.88
C ASP A 259 -40.95 -0.93 -6.93
N PRO A 260 -41.12 -1.88 -6.01
CA PRO A 260 -40.15 -3.01 -5.94
C PRO A 260 -40.01 -3.82 -7.22
N ALA A 261 -41.10 -4.28 -7.83
CA ALA A 261 -40.97 -5.15 -9.00
C ALA A 261 -40.25 -4.42 -10.14
N ARG A 262 -40.58 -3.15 -10.34
CA ARG A 262 -39.93 -2.38 -11.39
C ARG A 262 -38.47 -2.14 -11.05
N ARG A 263 -38.18 -1.78 -9.80
CA ARG A 263 -36.80 -1.55 -9.40
C ARG A 263 -36.01 -2.84 -9.45
N ALA A 264 -36.64 -3.97 -9.09
CA ALA A 264 -35.98 -5.25 -9.17
C ALA A 264 -35.52 -5.54 -10.59
N ARG A 265 -36.43 -5.39 -11.55
CA ARG A 265 -36.06 -5.58 -12.94
C ARG A 265 -34.97 -4.61 -13.38
N ALA A 266 -35.08 -3.34 -12.95
CA ALA A 266 -34.11 -2.33 -13.38
C ALA A 266 -32.71 -2.68 -12.88
N ILE A 267 -32.60 -3.16 -11.64
CA ILE A 267 -31.27 -3.49 -11.12
C ILE A 267 -30.71 -4.71 -11.81
N VAL A 268 -31.56 -5.72 -12.07
CA VAL A 268 -31.12 -6.88 -12.84
C VAL A 268 -30.60 -6.46 -14.21
N GLN A 269 -31.34 -5.59 -14.90
CA GLN A 269 -30.92 -5.16 -16.22
C GLN A 269 -29.68 -4.29 -16.14
N ALA A 270 -29.56 -3.50 -15.08
CA ALA A 270 -28.35 -2.69 -14.89
C ALA A 270 -27.13 -3.57 -14.73
N VAL A 271 -27.27 -4.71 -14.04
CA VAL A 271 -26.13 -5.59 -13.87
C VAL A 271 -25.81 -6.29 -15.19
N THR A 272 -26.83 -6.70 -15.94
CA THR A 272 -26.60 -7.31 -17.24
C THR A 272 -25.96 -6.31 -18.20
N HIS A 273 -26.40 -5.06 -18.18
CA HIS A 273 -25.99 -4.05 -19.15
C HIS A 273 -25.16 -2.94 -18.51
N TYR A 274 -24.28 -3.30 -17.58
CA TYR A 274 -23.61 -2.29 -16.75
C TYR A 274 -22.74 -1.35 -17.56
N SER A 275 -22.28 -1.75 -18.75
CA SER A 275 -21.44 -0.90 -19.56
C SER A 275 -22.21 -0.12 -20.61
N ASP A 276 -23.55 -0.09 -20.52
CA ASP A 276 -24.40 0.52 -21.53
C ASP A 276 -25.15 1.70 -20.91
N PRO A 277 -24.60 2.91 -20.96
CA PRO A 277 -25.29 4.05 -20.35
C PRO A 277 -26.69 4.30 -20.89
N GLU A 278 -26.93 4.00 -22.17
CA GLU A 278 -28.27 4.18 -22.71
C GLU A 278 -29.27 3.24 -22.04
N MET A 279 -28.87 1.98 -21.81
CA MET A 279 -29.73 1.07 -21.06
C MET A 279 -29.89 1.51 -19.61
N LEU A 280 -28.81 2.01 -19.00
CA LEU A 280 -28.91 2.45 -17.61
C LEU A 280 -29.85 3.64 -17.48
N VAL A 281 -29.85 4.56 -18.45
CA VAL A 281 -30.82 5.64 -18.45
C VAL A 281 -32.23 5.06 -18.53
N GLU A 282 -32.42 4.14 -19.48
CA GLU A 282 -33.74 3.57 -19.72
C GLU A 282 -34.31 2.93 -18.46
N VAL A 283 -33.51 2.08 -17.79
CA VAL A 283 -34.04 1.38 -16.63
C VAL A 283 -34.16 2.29 -15.41
N SER A 284 -33.39 3.39 -15.36
CA SER A 284 -33.50 4.32 -14.25
C SER A 284 -34.64 5.32 -14.43
N CYS A 285 -35.15 5.47 -15.64
CA CYS A 285 -36.07 6.57 -15.92
C CYS A 285 -37.43 6.26 -15.32
N GLY A 286 -37.92 7.17 -14.48
CA GLY A 286 -39.23 7.01 -13.86
C GLY A 286 -39.32 5.82 -12.93
N LEU A 287 -38.26 5.57 -12.16
CA LEU A 287 -38.23 4.33 -11.39
C LEU A 287 -38.97 4.43 -10.05
N GLY A 288 -39.44 5.62 -9.67
CA GLY A 288 -40.07 5.79 -8.38
C GLY A 288 -39.06 6.03 -7.29
N GLU A 289 -39.56 6.21 -6.08
CA GLU A 289 -38.72 6.58 -4.96
C GLU A 289 -37.82 5.42 -4.55
N ALA A 290 -36.52 5.71 -4.43
CA ALA A 290 -35.59 4.73 -3.88
C ALA A 290 -35.78 4.65 -2.37
N MET A 291 -35.19 3.62 -1.76
CA MET A 291 -35.24 3.53 -0.31
C MET A 291 -34.57 4.76 0.29
N VAL A 292 -35.15 5.27 1.38
CA VAL A 292 -34.62 6.50 1.96
C VAL A 292 -33.25 6.27 2.59
N GLY A 293 -33.10 5.16 3.30
CA GLY A 293 -31.81 4.83 3.87
C GLY A 293 -31.36 5.79 4.96
N ILE A 294 -30.09 5.64 5.33
CA ILE A 294 -29.48 6.41 6.41
C ILE A 294 -28.08 6.81 5.98
N ASN A 295 -27.73 8.08 6.18
CA ASN A 295 -26.37 8.55 5.93
C ASN A 295 -25.55 8.50 7.22
N LYS B 20 -7.87 23.52 -28.73
CA LYS B 20 -7.91 22.38 -29.64
C LYS B 20 -8.08 21.05 -28.89
N SER B 21 -7.64 21.01 -27.63
CA SER B 21 -7.79 19.75 -26.89
C SER B 21 -9.23 19.56 -26.45
N PRO B 22 -9.67 18.31 -26.28
CA PRO B 22 -11.03 18.11 -25.78
C PRO B 22 -11.29 18.80 -24.46
N PHE B 23 -10.30 18.87 -23.57
CA PHE B 23 -10.50 19.56 -22.30
C PHE B 23 -10.70 21.05 -22.51
N SER B 24 -9.92 21.66 -23.40
CA SER B 24 -10.07 23.09 -23.69
C SER B 24 -11.47 23.40 -24.21
N VAL B 25 -12.04 22.51 -25.02
CA VAL B 25 -13.40 22.71 -25.50
C VAL B 25 -14.37 22.72 -24.33
N LYS B 26 -14.22 21.76 -23.41
CA LYS B 26 -15.06 21.75 -22.23
C LYS B 26 -14.88 23.02 -21.42
N VAL B 27 -13.62 23.43 -21.20
CA VAL B 27 -13.35 24.66 -20.47
C VAL B 27 -14.02 25.84 -21.17
N GLY B 28 -13.95 25.90 -22.50
CA GLY B 28 -14.60 26.97 -23.23
C GLY B 28 -16.11 26.96 -23.06
N LEU B 29 -16.70 25.76 -22.99
CA LEU B 29 -18.15 25.67 -22.79
C LEU B 29 -18.58 26.31 -21.47
N ALA B 30 -17.84 26.01 -20.40
CA ALA B 30 -18.19 26.58 -19.11
C ALA B 30 -17.98 28.10 -19.09
N GLN B 31 -17.03 28.59 -19.88
CA GLN B 31 -16.82 30.04 -19.93
C GLN B 31 -18.03 30.79 -20.46
N MET B 32 -18.93 30.13 -21.20
CA MET B 32 -20.14 30.79 -21.66
C MET B 32 -21.09 31.15 -20.51
N LEU B 33 -20.87 30.63 -19.32
CA LEU B 33 -21.71 30.93 -18.17
C LEU B 33 -21.22 32.12 -17.37
N ARG B 34 -20.08 32.71 -17.73
CA ARG B 34 -19.55 33.86 -17.02
C ARG B 34 -20.61 34.95 -16.89
N GLY B 35 -20.59 35.64 -15.76
CA GLY B 35 -21.59 36.66 -15.51
C GLY B 35 -22.95 36.13 -15.13
N GLY B 36 -23.08 34.82 -14.96
CA GLY B 36 -24.39 34.22 -14.79
C GLY B 36 -24.71 33.71 -13.40
N VAL B 37 -26.00 33.49 -13.15
CA VAL B 37 -26.50 32.81 -11.96
C VAL B 37 -27.01 31.44 -12.39
N ILE B 38 -26.58 30.40 -11.69
CA ILE B 38 -27.11 29.05 -11.90
C ILE B 38 -28.05 28.75 -10.76
N MET B 39 -29.27 28.35 -11.08
CA MET B 39 -30.31 28.17 -10.06
C MET B 39 -30.72 26.71 -9.96
N ASP B 40 -30.70 26.19 -8.73
CA ASP B 40 -31.25 24.86 -8.49
C ASP B 40 -32.75 24.90 -8.64
N VAL B 41 -33.30 23.92 -9.34
CA VAL B 41 -34.74 23.83 -9.58
C VAL B 41 -35.15 22.39 -9.43
N VAL B 42 -36.34 22.16 -8.89
CA VAL B 42 -36.82 20.82 -8.59
C VAL B 42 -37.96 20.40 -9.48
N ASN B 43 -38.39 21.25 -10.41
CA ASN B 43 -39.44 20.90 -11.35
C ASN B 43 -39.42 21.90 -12.50
N ALA B 44 -40.31 21.67 -13.47
CA ALA B 44 -40.33 22.49 -14.67
C ALA B 44 -40.77 23.91 -14.38
N GLU B 45 -41.74 24.07 -13.47
CA GLU B 45 -42.23 25.41 -13.14
C GLU B 45 -41.11 26.27 -12.57
N GLN B 46 -40.33 25.72 -11.65
CA GLN B 46 -39.18 26.46 -11.11
C GLN B 46 -38.14 26.69 -12.19
N ALA B 47 -37.92 25.70 -13.06
CA ALA B 47 -37.02 25.89 -14.19
C ALA B 47 -37.45 27.06 -15.05
N ARG B 48 -38.76 27.18 -15.34
CA ARG B 48 -39.22 28.31 -16.14
C ARG B 48 -39.06 29.63 -15.39
N ILE B 49 -39.35 29.64 -14.09
CA ILE B 49 -39.10 30.84 -13.27
C ILE B 49 -37.64 31.23 -13.34
N ALA B 50 -36.74 30.25 -13.18
CA ALA B 50 -35.30 30.54 -13.23
C ALA B 50 -34.91 31.14 -14.58
N GLU B 51 -35.34 30.50 -15.66
CA GLU B 51 -34.97 31.01 -16.98
C GLU B 51 -35.57 32.40 -17.20
N GLU B 52 -36.84 32.58 -16.86
CA GLU B 52 -37.49 33.88 -17.02
C GLU B 52 -36.83 34.95 -16.15
N ALA B 53 -36.31 34.57 -14.97
CA ALA B 53 -35.58 35.53 -14.15
C ALA B 53 -34.21 35.87 -14.73
N GLY B 54 -33.75 35.15 -15.74
CA GLY B 54 -32.47 35.43 -16.35
C GLY B 54 -31.32 34.55 -15.91
N ALA B 55 -31.60 33.41 -15.30
CA ALA B 55 -30.54 32.46 -14.96
C ALA B 55 -29.75 32.09 -16.20
N CYS B 56 -28.44 31.87 -16.04
CA CYS B 56 -27.66 31.39 -17.18
C CYS B 56 -27.78 29.88 -17.35
N ALA B 57 -28.22 29.18 -16.32
CA ALA B 57 -28.41 27.73 -16.36
C ALA B 57 -29.22 27.32 -15.15
N VAL B 58 -29.79 26.12 -15.22
CA VAL B 58 -30.49 25.55 -14.08
C VAL B 58 -29.81 24.26 -13.68
N MET B 59 -29.85 24.01 -12.38
CA MET B 59 -29.34 22.77 -11.78
C MET B 59 -30.55 21.92 -11.44
N ALA B 60 -30.78 20.86 -12.21
CA ALA B 60 -31.95 20.02 -12.01
C ALA B 60 -31.69 19.05 -10.87
N LEU B 61 -32.55 19.05 -9.86
CA LEU B 61 -32.37 18.10 -8.76
C LEU B 61 -33.70 17.94 -8.03
N GLU B 62 -33.86 16.78 -7.38
CA GLU B 62 -35.13 16.51 -6.70
C GLU B 62 -35.26 17.26 -5.38
N ARG B 63 -34.15 17.59 -4.72
CA ARG B 63 -34.18 18.32 -3.45
C ARG B 63 -33.05 19.34 -3.39
N VAL B 64 -33.36 20.58 -3.02
CA VAL B 64 -32.32 21.60 -2.90
C VAL B 64 -31.50 21.33 -1.64
N PRO B 65 -30.29 21.89 -1.53
CA PRO B 65 -29.43 21.54 -0.38
C PRO B 65 -30.07 21.78 0.98
N ALA B 66 -30.82 22.88 1.16
CA ALA B 66 -31.45 23.12 2.46
C ALA B 66 -32.38 21.97 2.84
N ASP B 67 -33.04 21.36 1.86
CA ASP B 67 -33.93 20.24 2.15
C ASP B 67 -33.14 18.95 2.37
N ILE B 68 -32.08 18.73 1.61
CA ILE B 68 -31.21 17.59 1.87
C ILE B 68 -30.63 17.68 3.27
N ARG B 69 -30.17 18.87 3.65
CA ARG B 69 -29.59 19.07 4.97
C ARG B 69 -30.61 18.82 6.07
N ALA B 70 -31.85 19.28 5.87
CA ALA B 70 -32.86 19.17 6.91
C ALA B 70 -33.42 17.76 7.00
N GLN B 71 -33.65 17.11 5.86
CA GLN B 71 -34.37 15.84 5.85
C GLN B 71 -33.46 14.65 6.05
N GLY B 72 -32.16 14.78 5.83
CA GLY B 72 -31.33 13.61 5.94
C GLY B 72 -31.67 12.59 4.84
N GLY B 73 -31.30 11.34 5.11
CA GLY B 73 -31.41 10.29 4.12
C GLY B 73 -30.32 10.40 3.06
N VAL B 74 -30.14 9.31 2.31
CA VAL B 74 -29.13 9.31 1.26
C VAL B 74 -29.62 10.14 0.08
N ALA B 75 -28.78 11.06 -0.39
CA ALA B 75 -29.12 11.93 -1.51
C ALA B 75 -28.31 11.50 -2.72
N ARG B 76 -29.01 11.24 -3.82
CA ARG B 76 -28.43 10.59 -4.98
C ARG B 76 -28.71 11.43 -6.22
N MET B 77 -28.17 10.97 -7.35
CA MET B 77 -28.59 11.47 -8.65
C MET B 77 -30.11 11.50 -8.75
N SER B 78 -30.64 12.53 -9.39
CA SER B 78 -32.08 12.62 -9.56
C SER B 78 -32.55 11.67 -10.66
N ASP B 79 -33.81 11.28 -10.58
CA ASP B 79 -34.41 10.43 -11.58
C ASP B 79 -34.27 11.08 -12.97
N PRO B 80 -33.77 10.36 -13.97
CA PRO B 80 -33.64 10.95 -15.31
C PRO B 80 -34.93 11.53 -15.86
N GLN B 81 -36.07 10.98 -15.46
CA GLN B 81 -37.34 11.50 -15.93
C GLN B 81 -37.53 12.95 -15.49
N MET B 82 -37.21 13.26 -14.23
CA MET B 82 -37.42 14.63 -13.76
C MET B 82 -36.39 15.57 -14.37
N ILE B 83 -35.18 15.06 -14.62
CA ILE B 83 -34.18 15.88 -15.31
C ILE B 83 -34.63 16.18 -16.73
N LYS B 84 -35.12 15.16 -17.44
CA LYS B 84 -35.61 15.37 -18.80
C LYS B 84 -36.75 16.38 -18.83
N GLU B 85 -37.65 16.33 -17.85
CA GLU B 85 -38.76 17.28 -17.83
C GLU B 85 -38.24 18.70 -17.69
N ILE B 86 -37.24 18.91 -16.84
CA ILE B 86 -36.67 20.24 -16.67
C ILE B 86 -35.97 20.68 -17.95
N LYS B 87 -35.17 19.78 -18.53
CA LYS B 87 -34.45 20.08 -19.77
C LYS B 87 -35.42 20.45 -20.89
N GLN B 88 -36.57 19.77 -20.97
CA GLN B 88 -37.58 20.12 -21.96
C GLN B 88 -38.19 21.49 -21.71
N ALA B 89 -38.19 21.94 -20.46
CA ALA B 89 -38.93 23.14 -20.09
C ALA B 89 -38.15 24.44 -20.28
N VAL B 90 -36.85 24.37 -20.58
CA VAL B 90 -36.02 25.56 -20.68
C VAL B 90 -35.13 25.44 -21.92
N THR B 91 -34.65 26.59 -22.38
CA THR B 91 -33.68 26.59 -23.47
C THR B 91 -32.26 26.86 -22.98
N ILE B 92 -32.09 27.37 -21.76
CA ILE B 92 -30.77 27.59 -21.18
C ILE B 92 -30.18 26.24 -20.77
N PRO B 93 -28.87 26.16 -20.56
CA PRO B 93 -28.26 24.85 -20.25
C PRO B 93 -28.79 24.26 -18.95
N VAL B 94 -28.74 22.94 -18.87
CA VAL B 94 -29.23 22.20 -17.72
C VAL B 94 -28.06 21.44 -17.12
N MET B 95 -27.87 21.60 -15.81
CA MET B 95 -26.90 20.83 -15.06
C MET B 95 -27.61 19.86 -14.14
N ALA B 96 -26.88 18.84 -13.69
CA ALA B 96 -27.44 17.94 -12.70
C ALA B 96 -26.30 17.37 -11.88
N LYS B 97 -26.65 16.86 -10.71
N LYS B 97 -26.64 16.88 -10.70
CA LYS B 97 -25.67 16.43 -9.72
CA LYS B 97 -25.64 16.48 -9.71
C LYS B 97 -25.45 14.94 -9.79
C LYS B 97 -25.46 14.96 -9.69
N ALA B 98 -24.19 14.54 -9.63
CA ALA B 98 -23.83 13.16 -9.36
C ALA B 98 -23.10 13.12 -8.02
N ARG B 99 -23.26 12.02 -7.29
CA ARG B 99 -22.52 11.83 -6.06
C ARG B 99 -21.04 11.75 -6.35
N ILE B 100 -20.24 12.29 -5.43
CA ILE B 100 -18.80 12.26 -5.60
C ILE B 100 -18.35 10.82 -5.74
N GLY B 101 -17.58 10.55 -6.80
CA GLY B 101 -17.11 9.21 -7.07
C GLY B 101 -18.08 8.32 -7.79
N HIS B 102 -19.33 8.75 -7.99
CA HIS B 102 -20.32 7.88 -8.61
C HIS B 102 -20.27 8.08 -10.12
N PHE B 103 -19.29 7.43 -10.75
CA PHE B 103 -19.09 7.64 -12.18
C PHE B 103 -20.21 7.05 -13.00
N VAL B 104 -20.97 6.10 -12.46
CA VAL B 104 -22.06 5.58 -13.27
C VAL B 104 -23.24 6.55 -13.26
N GLU B 105 -23.54 7.16 -12.10
CA GLU B 105 -24.49 8.27 -12.11
C GLU B 105 -24.11 9.31 -13.18
N ALA B 106 -22.82 9.63 -13.28
CA ALA B 106 -22.38 10.58 -14.29
C ALA B 106 -22.59 10.04 -15.70
N GLN B 107 -22.36 8.75 -15.91
CA GLN B 107 -22.61 8.16 -17.22
C GLN B 107 -24.07 8.31 -17.61
N ILE B 108 -24.95 8.08 -16.63
CA ILE B 108 -26.38 8.20 -16.88
C ILE B 108 -26.73 9.64 -17.21
N LEU B 109 -26.24 10.58 -16.39
CA LEU B 109 -26.55 11.99 -16.65
C LEU B 109 -26.09 12.42 -18.03
N GLU B 110 -24.88 12.00 -18.42
CA GLU B 110 -24.39 12.33 -19.75
C GLU B 110 -25.28 11.75 -20.84
N ALA B 111 -25.68 10.48 -20.68
CA ALA B 111 -26.53 9.85 -21.68
C ALA B 111 -27.90 10.50 -21.78
N ILE B 112 -28.36 11.19 -20.73
CA ILE B 112 -29.59 11.98 -20.81
C ILE B 112 -29.45 13.15 -21.77
N GLY B 113 -28.24 13.63 -21.99
CA GLY B 113 -28.04 14.76 -22.88
C GLY B 113 -28.06 16.10 -22.18
N ILE B 114 -27.77 16.15 -20.88
CA ILE B 114 -27.71 17.44 -20.23
C ILE B 114 -26.35 18.07 -20.51
N ASP B 115 -26.17 19.29 -20.03
CA ASP B 115 -25.05 20.10 -20.47
C ASP B 115 -23.87 20.07 -19.52
N TYR B 116 -24.11 19.93 -18.22
CA TYR B 116 -23.03 19.89 -17.25
C TYR B 116 -23.39 18.91 -16.15
N ILE B 117 -22.38 18.28 -15.57
CA ILE B 117 -22.56 17.47 -14.38
C ILE B 117 -21.83 18.14 -13.23
N ASP B 118 -22.51 18.28 -12.11
CA ASP B 118 -21.91 18.78 -10.89
C ASP B 118 -21.61 17.56 -10.03
N GLU B 119 -20.33 17.23 -9.88
CA GLU B 119 -19.94 16.17 -8.95
C GLU B 119 -19.98 16.78 -7.55
N SER B 120 -21.06 16.54 -6.82
CA SER B 120 -21.48 17.44 -5.76
C SER B 120 -21.35 16.81 -4.38
N GLU B 121 -20.73 17.56 -3.46
CA GLU B 121 -20.68 17.20 -2.06
C GLU B 121 -22.02 17.36 -1.36
N VAL B 122 -22.99 18.00 -2.01
CA VAL B 122 -24.30 18.13 -1.40
C VAL B 122 -25.02 16.79 -1.40
N LEU B 123 -24.79 15.97 -2.42
CA LEU B 123 -25.29 14.60 -2.41
C LEU B 123 -24.42 13.74 -1.49
N THR B 124 -24.92 12.54 -1.18
CA THR B 124 -24.20 11.66 -0.26
C THR B 124 -22.94 11.13 -0.94
N LEU B 125 -21.81 11.34 -0.30
CA LEU B 125 -20.54 10.80 -0.82
C LEU B 125 -20.68 9.32 -1.16
N ALA B 126 -20.22 8.95 -2.37
CA ALA B 126 -20.27 7.56 -2.81
C ALA B 126 -18.93 6.86 -2.75
N ASP B 127 -17.84 7.63 -2.80
CA ASP B 127 -16.48 7.10 -2.80
C ASP B 127 -15.68 8.02 -1.92
N GLU B 128 -15.26 7.52 -0.77
CA GLU B 128 -14.56 8.38 0.19
C GLU B 128 -13.18 8.77 -0.31
N ASP B 129 -12.58 8.00 -1.21
CA ASP B 129 -11.19 8.19 -1.54
C ASP B 129 -10.91 8.71 -2.94
N HIS B 130 -11.89 8.64 -3.84
CA HIS B 130 -11.66 8.98 -5.24
C HIS B 130 -12.84 9.76 -5.77
N HIS B 131 -12.54 10.78 -6.58
CA HIS B 131 -13.57 11.44 -7.36
C HIS B 131 -13.72 10.74 -8.72
N ILE B 132 -14.75 11.16 -9.46
CA ILE B 132 -14.94 10.67 -10.82
C ILE B 132 -13.76 11.08 -11.68
N ASN B 133 -13.29 10.15 -12.51
CA ASN B 133 -12.33 10.47 -13.56
C ASN B 133 -13.12 11.18 -14.66
N LYS B 134 -13.15 12.51 -14.58
CA LYS B 134 -14.03 13.29 -15.44
C LYS B 134 -13.51 13.39 -16.86
N HIS B 135 -12.23 13.08 -17.08
CA HIS B 135 -11.71 13.06 -18.44
C HIS B 135 -12.33 11.96 -19.27
N ASN B 136 -12.98 10.96 -18.65
CA ASN B 136 -13.64 9.88 -19.37
C ASN B 136 -14.98 10.28 -19.96
N PHE B 137 -15.37 11.54 -19.84
CA PHE B 137 -16.67 12.00 -20.28
C PHE B 137 -16.53 13.07 -21.34
N ARG B 138 -17.55 13.18 -22.19
CA ARG B 138 -17.62 14.27 -23.15
C ARG B 138 -18.20 15.53 -22.55
N ILE B 139 -19.09 15.40 -21.58
CA ILE B 139 -19.81 16.50 -20.94
C ILE B 139 -18.91 17.19 -19.92
N PRO B 140 -18.95 18.52 -19.80
CA PRO B 140 -18.12 19.18 -18.79
C PRO B 140 -18.67 18.98 -17.39
N PHE B 141 -17.76 18.93 -16.43
CA PHE B 141 -18.07 18.78 -15.03
C PHE B 141 -17.76 20.07 -14.28
N VAL B 142 -18.58 20.35 -13.27
CA VAL B 142 -18.21 21.31 -12.23
C VAL B 142 -17.93 20.54 -10.95
N CYS B 143 -16.91 20.97 -10.22
CA CYS B 143 -16.59 20.41 -8.92
C CYS B 143 -16.46 21.54 -7.90
N GLY B 144 -16.66 21.19 -6.63
CA GLY B 144 -16.48 22.15 -5.57
C GLY B 144 -15.06 22.16 -5.04
N CYS B 145 -14.75 23.21 -4.28
CA CYS B 145 -13.45 23.27 -3.63
C CYS B 145 -13.55 24.20 -2.44
N ARG B 146 -12.61 24.04 -1.51
N ARG B 146 -12.61 24.05 -1.51
CA ARG B 146 -12.44 24.93 -0.38
CA ARG B 146 -12.47 24.97 -0.40
C ARG B 146 -11.18 25.77 -0.47
C ARG B 146 -11.16 25.73 -0.43
N ASN B 147 -10.26 25.41 -1.35
CA ASN B 147 -8.96 26.02 -1.42
C ASN B 147 -8.39 25.71 -2.80
N LEU B 148 -7.26 26.35 -3.11
CA LEU B 148 -6.69 26.25 -4.45
C LEU B 148 -6.23 24.82 -4.77
N GLY B 149 -5.59 24.14 -3.81
CA GLY B 149 -5.11 22.79 -4.08
C GLY B 149 -6.25 21.86 -4.45
N GLU B 150 -7.36 21.94 -3.72
CA GLU B 150 -8.53 21.14 -4.03
C GLU B 150 -9.08 21.48 -5.41
N ALA B 151 -9.15 22.78 -5.74
CA ALA B 151 -9.60 23.18 -7.07
C ALA B 151 -8.72 22.57 -8.14
N LEU B 152 -7.41 22.65 -7.96
CA LEU B 152 -6.52 22.14 -8.99
C LEU B 152 -6.57 20.62 -9.07
N ARG B 153 -6.79 19.94 -7.94
CA ARG B 153 -6.93 18.48 -8.00
C ARG B 153 -8.18 18.10 -8.79
N ARG B 154 -9.31 18.77 -8.54
CA ARG B 154 -10.51 18.52 -9.32
C ARG B 154 -10.27 18.82 -10.80
N ILE B 155 -9.59 19.92 -11.10
CA ILE B 155 -9.29 20.24 -12.50
C ILE B 155 -8.45 19.15 -13.14
N ARG B 156 -7.45 18.64 -12.41
CA ARG B 156 -6.61 17.60 -12.98
C ARG B 156 -7.40 16.33 -13.27
N GLU B 157 -8.39 16.01 -12.44
CA GLU B 157 -9.28 14.89 -12.72
C GLU B 157 -10.21 15.18 -13.90
N GLY B 158 -10.27 16.43 -14.35
CA GLY B 158 -11.01 16.77 -15.54
C GLY B 158 -12.16 17.74 -15.34
N ALA B 159 -12.30 18.33 -14.15
CA ALA B 159 -13.33 19.35 -13.97
C ALA B 159 -13.04 20.53 -14.90
N ALA B 160 -14.06 20.97 -15.63
CA ALA B 160 -13.95 22.11 -16.54
C ALA B 160 -14.45 23.39 -15.89
N MET B 161 -14.90 23.31 -14.65
CA MET B 161 -15.50 24.43 -13.95
C MET B 161 -15.39 24.14 -12.47
N ILE B 162 -15.11 25.17 -11.70
CA ILE B 162 -14.94 25.07 -10.27
C ILE B 162 -15.90 26.02 -9.59
N ARG B 163 -16.50 25.57 -8.50
CA ARG B 163 -17.25 26.43 -7.60
C ARG B 163 -16.72 26.24 -6.19
N THR B 164 -16.93 27.24 -5.34
CA THR B 164 -16.70 26.98 -3.93
C THR B 164 -17.71 25.97 -3.42
N LYS B 165 -17.36 25.32 -2.32
CA LYS B 165 -18.34 24.50 -1.62
C LYS B 165 -19.24 25.36 -0.75
N GLY B 166 -18.67 26.39 -0.12
CA GLY B 166 -19.39 27.11 0.91
C GLY B 166 -19.96 26.15 1.93
N GLU B 167 -21.09 26.53 2.49
CA GLU B 167 -21.85 25.63 3.36
C GLU B 167 -23.24 25.55 2.75
N ALA B 168 -23.49 24.51 1.95
CA ALA B 168 -24.68 24.52 1.11
C ALA B 168 -25.94 24.36 1.94
N GLY B 169 -26.98 25.10 1.57
CA GLY B 169 -28.26 25.00 2.21
C GLY B 169 -28.41 25.72 3.53
N THR B 170 -27.41 26.49 3.97
CA THR B 170 -27.50 27.23 5.22
C THR B 170 -27.91 28.69 5.06
N GLY B 171 -27.90 29.23 3.86
CA GLY B 171 -28.14 30.66 3.72
C GLY B 171 -27.05 31.52 4.35
N ASN B 172 -25.92 30.90 4.72
CA ASN B 172 -24.84 31.60 5.40
C ASN B 172 -23.63 31.61 4.47
N ILE B 173 -23.18 32.81 4.07
CA ILE B 173 -22.11 32.90 3.08
C ILE B 173 -20.72 32.82 3.67
N ILE B 174 -20.59 32.68 5.00
CA ILE B 174 -19.26 32.83 5.62
C ILE B 174 -18.27 31.82 5.04
N GLU B 175 -18.70 30.58 4.82
CA GLU B 175 -17.76 29.57 4.31
C GLU B 175 -17.44 29.82 2.85
N ALA B 176 -18.43 30.26 2.06
CA ALA B 176 -18.15 30.60 0.67
C ALA B 176 -17.15 31.76 0.61
N VAL B 177 -17.32 32.76 1.48
CA VAL B 177 -16.34 33.84 1.53
C VAL B 177 -14.97 33.27 1.88
N ARG B 178 -14.91 32.39 2.88
CA ARG B 178 -13.63 31.77 3.21
C ARG B 178 -13.04 31.07 1.98
N HIS B 179 -13.85 30.29 1.27
CA HIS B 179 -13.33 29.51 0.15
C HIS B 179 -12.87 30.41 -1.00
N VAL B 180 -13.67 31.42 -1.34
CA VAL B 180 -13.29 32.35 -2.39
C VAL B 180 -11.98 33.04 -2.02
N ARG B 181 -11.90 33.55 -0.77
CA ARG B 181 -10.69 34.25 -0.36
C ARG B 181 -9.50 33.31 -0.32
N SER B 182 -9.72 32.04 0.03
CA SER B 182 -8.62 31.09 0.05
C SER B 182 -8.09 30.86 -1.36
N VAL B 183 -8.97 30.48 -2.28
CA VAL B 183 -8.55 30.25 -3.67
C VAL B 183 -7.91 31.51 -4.24
N ASN B 184 -8.62 32.64 -4.15
CA ASN B 184 -8.10 33.88 -4.71
C ASN B 184 -6.81 34.30 -4.04
N GLY B 185 -6.73 34.13 -2.73
CA GLY B 185 -5.52 34.52 -2.02
C GLY B 185 -4.31 33.74 -2.48
N ASP B 186 -4.47 32.42 -2.64
CA ASP B 186 -3.33 31.61 -3.04
C ASP B 186 -2.99 31.81 -4.51
N ILE B 187 -3.97 32.14 -5.35
CA ILE B 187 -3.65 32.54 -6.71
C ILE B 187 -2.81 33.81 -6.71
N ARG B 188 -3.19 34.79 -5.88
CA ARG B 188 -2.42 36.02 -5.80
C ARG B 188 -1.01 35.77 -5.29
N VAL B 189 -0.89 34.88 -4.29
CA VAL B 189 0.41 34.48 -3.78
C VAL B 189 1.31 33.97 -4.92
N LEU B 190 0.70 33.28 -5.89
CA LEU B 190 1.51 32.72 -6.98
C LEU B 190 2.12 33.79 -7.87
N ARG B 191 1.47 34.94 -8.02
CA ARG B 191 1.89 35.94 -9.01
C ARG B 191 3.36 36.32 -8.83
N ASN B 192 3.75 36.70 -7.62
CA ASN B 192 5.10 37.19 -7.37
C ASN B 192 6.00 36.12 -6.80
N MET B 193 5.53 34.90 -6.67
CA MET B 193 6.30 33.88 -6.00
C MET B 193 7.55 33.55 -6.81
N ASP B 194 8.68 33.44 -6.11
CA ASP B 194 9.89 32.88 -6.69
C ASP B 194 9.58 31.55 -7.40
N ASP B 195 9.93 31.47 -8.70
CA ASP B 195 9.70 30.24 -9.45
C ASP B 195 10.25 29.03 -8.72
N ASP B 196 11.39 29.19 -8.05
CA ASP B 196 12.06 28.08 -7.40
C ASP B 196 11.29 27.58 -6.20
N GLU B 197 10.41 28.41 -5.65
CA GLU B 197 9.60 28.03 -4.50
C GLU B 197 8.29 27.37 -4.89
N VAL B 198 7.95 27.36 -6.18
CA VAL B 198 6.66 26.81 -6.59
C VAL B 198 6.58 25.30 -6.42
N PHE B 199 7.70 24.58 -6.55
CA PHE B 199 7.66 23.13 -6.36
C PHE B 199 7.17 22.80 -4.96
N THR B 200 7.75 23.45 -3.97
CA THR B 200 7.32 23.25 -2.59
C THR B 200 5.91 23.74 -2.36
N PHE B 201 5.53 24.85 -3.00
CA PHE B 201 4.15 25.32 -2.87
C PHE B 201 3.17 24.29 -3.42
N ALA B 202 3.47 23.70 -4.58
CA ALA B 202 2.61 22.67 -5.15
C ALA B 202 2.51 21.46 -4.22
N LYS B 203 3.62 21.09 -3.58
CA LYS B 203 3.58 20.00 -2.61
C LYS B 203 2.68 20.38 -1.44
N LYS B 204 2.87 21.59 -0.91
CA LYS B 204 2.06 22.04 0.22
C LYS B 204 0.59 22.04 -0.13
N LEU B 205 0.25 22.44 -1.36
CA LEU B 205 -1.14 22.42 -1.81
C LEU B 205 -1.63 21.04 -2.17
N ALA B 206 -0.74 20.04 -2.18
CA ALA B 206 -1.02 18.73 -2.76
C ALA B 206 -1.66 18.84 -4.14
N ALA B 207 -1.14 19.76 -4.95
CA ALA B 207 -1.70 20.05 -6.26
C ALA B 207 -0.69 19.73 -7.35
N PRO B 208 -1.14 19.31 -8.54
CA PRO B 208 -0.19 19.04 -9.63
C PRO B 208 0.56 20.31 -10.00
N TYR B 209 1.88 20.16 -10.07
CA TYR B 209 2.75 21.32 -10.27
C TYR B 209 2.43 22.04 -11.58
N ASP B 210 2.14 21.28 -12.65
CA ASP B 210 1.90 21.93 -13.94
C ASP B 210 0.66 22.83 -13.89
N LEU B 211 -0.36 22.43 -13.13
CA LEU B 211 -1.54 23.27 -12.99
C LEU B 211 -1.26 24.45 -12.09
N VAL B 212 -0.43 24.27 -11.06
CA VAL B 212 -0.02 25.42 -10.25
C VAL B 212 0.70 26.42 -11.13
N MET B 213 1.62 25.95 -11.97
CA MET B 213 2.35 26.86 -12.85
C MET B 213 1.42 27.52 -13.85
N GLN B 214 0.44 26.78 -14.36
CA GLN B 214 -0.50 27.40 -15.29
C GLN B 214 -1.31 28.49 -14.61
N THR B 215 -1.78 28.22 -13.40
CA THR B 215 -2.48 29.23 -12.60
C THR B 215 -1.61 30.46 -12.39
N LYS B 216 -0.34 30.23 -12.08
CA LYS B 216 0.60 31.34 -11.95
C LYS B 216 0.70 32.14 -13.24
N GLN B 217 0.79 31.45 -14.38
CA GLN B 217 0.94 32.17 -15.65
C GLN B 217 -0.34 32.93 -15.99
N LEU B 218 -1.49 32.36 -15.69
CA LEU B 218 -2.75 33.02 -16.00
C LEU B 218 -3.11 34.13 -15.01
N GLY B 219 -2.62 34.04 -13.77
CA GLY B 219 -3.08 34.96 -12.76
C GLY B 219 -4.49 34.69 -12.30
N ARG B 220 -5.02 33.50 -12.59
CA ARG B 220 -6.39 33.14 -12.23
C ARG B 220 -6.52 31.64 -12.41
N LEU B 221 -7.65 31.11 -11.94
CA LEU B 221 -7.90 29.70 -12.09
C LEU B 221 -7.96 29.34 -13.58
N PRO B 222 -7.42 28.18 -13.98
CA PRO B 222 -7.45 27.81 -15.40
C PRO B 222 -8.83 27.50 -15.94
N VAL B 223 -9.84 27.46 -15.08
CA VAL B 223 -11.22 27.26 -15.50
C VAL B 223 -12.07 28.32 -14.83
N VAL B 224 -13.31 28.42 -15.32
CA VAL B 224 -14.28 29.34 -14.73
C VAL B 224 -14.48 29.01 -13.25
N GLN B 225 -14.65 30.05 -12.44
CA GLN B 225 -14.69 29.94 -10.99
C GLN B 225 -15.94 30.61 -10.47
N PHE B 226 -16.88 29.80 -9.96
CA PHE B 226 -18.15 30.33 -9.45
C PHE B 226 -18.19 30.29 -7.94
N ALA B 227 -19.00 31.17 -7.36
CA ALA B 227 -19.28 31.10 -5.94
C ALA B 227 -20.51 30.24 -5.73
N ALA B 228 -20.51 29.47 -4.64
CA ALA B 228 -21.61 28.58 -4.36
C ALA B 228 -21.66 28.31 -2.87
N GLY B 229 -22.87 28.18 -2.33
CA GLY B 229 -22.99 27.78 -0.96
C GLY B 229 -23.42 28.93 -0.08
N GLY B 230 -24.71 28.99 0.23
CA GLY B 230 -25.21 29.96 1.19
C GLY B 230 -25.59 31.29 0.62
N VAL B 231 -25.52 31.48 -0.69
CA VAL B 231 -25.86 32.77 -1.28
C VAL B 231 -27.37 32.96 -1.14
N ALA B 232 -27.78 33.93 -0.31
CA ALA B 232 -29.18 34.11 0.03
C ALA B 232 -29.77 35.42 -0.44
N THR B 233 -28.97 36.44 -0.65
CA THR B 233 -29.46 37.78 -0.97
C THR B 233 -28.73 38.35 -2.18
N PRO B 234 -29.32 39.35 -2.82
CA PRO B 234 -28.57 40.07 -3.87
C PRO B 234 -27.23 40.57 -3.38
N ALA B 235 -27.19 41.11 -2.15
CA ALA B 235 -25.91 41.57 -1.59
C ALA B 235 -24.90 40.44 -1.55
N ASP B 236 -25.33 39.25 -1.09
CA ASP B 236 -24.43 38.10 -1.07
C ASP B 236 -23.86 37.83 -2.45
N ALA B 237 -24.73 37.83 -3.47
CA ALA B 237 -24.28 37.45 -4.80
C ALA B 237 -23.33 38.50 -5.35
N ALA B 238 -23.65 39.79 -5.19
CA ALA B 238 -22.75 40.83 -5.66
C ALA B 238 -21.45 40.80 -4.89
N LEU B 239 -21.49 40.42 -3.61
CA LEU B 239 -20.25 40.30 -2.85
C LEU B 239 -19.32 39.27 -3.47
N MET B 240 -19.87 38.10 -3.85
CA MET B 240 -19.06 37.06 -4.49
C MET B 240 -18.46 37.57 -5.81
N MET B 241 -19.24 38.32 -6.59
CA MET B 241 -18.70 38.86 -7.83
C MET B 241 -17.62 39.90 -7.56
N GLN B 242 -17.80 40.73 -6.53
CA GLN B 242 -16.77 41.72 -6.23
C GLN B 242 -15.51 41.05 -5.68
N LEU B 243 -15.65 39.89 -5.05
CA LEU B 243 -14.47 39.16 -4.62
C LEU B 243 -13.74 38.50 -5.78
N GLY B 244 -14.33 38.44 -6.97
CA GLY B 244 -13.64 37.97 -8.15
C GLY B 244 -14.27 36.75 -8.82
N CYS B 245 -15.38 36.22 -8.32
CA CYS B 245 -15.99 35.06 -8.95
C CYS B 245 -16.54 35.40 -10.34
N ASP B 246 -16.71 34.36 -11.16
CA ASP B 246 -17.25 34.52 -12.50
C ASP B 246 -18.76 34.41 -12.56
N GLY B 247 -19.38 34.03 -11.45
CA GLY B 247 -20.80 33.76 -11.40
C GLY B 247 -21.12 33.12 -10.07
N VAL B 248 -22.40 32.82 -9.86
CA VAL B 248 -22.85 32.26 -8.59
C VAL B 248 -23.86 31.16 -8.83
N PHE B 249 -23.80 30.13 -7.98
CA PHE B 249 -24.88 29.18 -7.83
C PHE B 249 -25.78 29.66 -6.71
N VAL B 250 -27.08 29.47 -6.89
CA VAL B 250 -28.04 29.65 -5.80
C VAL B 250 -28.92 28.41 -5.79
N GLY B 251 -28.83 27.64 -4.71
CA GLY B 251 -29.53 26.40 -4.63
C GLY B 251 -30.80 26.49 -3.82
N SER B 252 -30.69 27.06 -2.63
CA SER B 252 -31.81 27.10 -1.70
C SER B 252 -32.34 28.50 -1.49
N GLY B 253 -31.50 29.53 -1.65
CA GLY B 253 -31.87 30.89 -1.31
C GLY B 253 -33.01 31.47 -2.12
N ILE B 254 -33.30 30.93 -3.30
CA ILE B 254 -34.37 31.49 -4.10
C ILE B 254 -35.70 30.84 -3.76
N PHE B 255 -35.80 29.52 -3.93
CA PHE B 255 -37.11 28.89 -3.80
C PHE B 255 -37.44 28.54 -2.36
N LYS B 256 -36.52 28.71 -1.41
CA LYS B 256 -36.85 28.66 0.01
C LYS B 256 -37.11 30.05 0.58
N SER B 257 -37.22 31.08 -0.27
CA SER B 257 -37.51 32.44 0.18
C SER B 257 -38.99 32.77 -0.02
N GLY B 258 -39.37 33.95 0.48
CA GLY B 258 -40.76 34.37 0.44
C GLY B 258 -41.26 34.72 -0.95
N ASP B 259 -40.39 35.22 -1.82
CA ASP B 259 -40.77 35.60 -3.18
C ASP B 259 -39.73 35.09 -4.16
N PRO B 260 -39.83 33.81 -4.55
CA PRO B 260 -38.77 33.22 -5.41
C PRO B 260 -38.51 33.95 -6.73
N ALA B 261 -39.55 34.22 -7.53
CA ALA B 261 -39.32 34.80 -8.84
C ALA B 261 -38.68 36.18 -8.73
N ARG B 262 -39.15 36.99 -7.78
CA ARG B 262 -38.58 38.30 -7.60
C ARG B 262 -37.14 38.22 -7.08
N ARG B 263 -36.89 37.32 -6.12
CA ARG B 263 -35.54 37.20 -5.59
C ARG B 263 -34.60 36.63 -6.66
N ALA B 264 -35.10 35.71 -7.47
CA ALA B 264 -34.29 35.17 -8.57
C ALA B 264 -33.86 36.27 -9.52
N ARG B 265 -34.80 37.11 -9.94
CA ARG B 265 -34.43 38.25 -10.79
C ARG B 265 -33.47 39.17 -10.05
N ALA B 266 -33.75 39.45 -8.78
CA ALA B 266 -32.90 40.34 -7.99
C ALA B 266 -31.48 39.84 -7.97
N ILE B 267 -31.30 38.54 -7.76
CA ILE B 267 -29.96 37.99 -7.68
C ILE B 267 -29.29 38.03 -9.05
N VAL B 268 -30.04 37.73 -10.12
CA VAL B 268 -29.50 37.87 -11.47
C VAL B 268 -29.01 39.30 -11.72
N GLN B 269 -29.84 40.29 -11.38
CA GLN B 269 -29.45 41.68 -11.59
C GLN B 269 -28.25 42.04 -10.73
N ALA B 270 -28.19 41.50 -9.51
CA ALA B 270 -27.06 41.80 -8.64
C ALA B 270 -25.78 41.25 -9.23
N VAL B 271 -25.83 40.11 -9.90
CA VAL B 271 -24.62 39.55 -10.49
C VAL B 271 -24.23 40.32 -11.74
N THR B 272 -25.23 40.69 -12.55
CA THR B 272 -24.94 41.47 -13.76
C THR B 272 -24.44 42.87 -13.42
N HIS B 273 -24.94 43.47 -12.34
CA HIS B 273 -24.62 44.85 -12.01
C HIS B 273 -23.97 44.95 -10.64
N TYR B 274 -23.03 44.05 -10.35
CA TYR B 274 -22.55 43.92 -8.99
C TYR B 274 -21.80 45.15 -8.50
N SER B 275 -21.35 46.02 -9.39
CA SER B 275 -20.63 47.21 -9.00
C SER B 275 -21.54 48.45 -8.95
N ASP B 276 -22.85 48.26 -9.06
CA ASP B 276 -23.79 49.38 -9.10
C ASP B 276 -24.61 49.38 -7.82
N PRO B 277 -24.20 50.13 -6.80
CA PRO B 277 -24.95 50.08 -5.53
C PRO B 277 -26.37 50.59 -5.66
N GLU B 278 -26.63 51.52 -6.58
CA GLU B 278 -27.99 51.98 -6.80
C GLU B 278 -28.88 50.84 -7.27
N MET B 279 -28.37 50.03 -8.21
CA MET B 279 -29.10 48.84 -8.64
C MET B 279 -29.27 47.83 -7.50
N LEU B 280 -28.20 47.63 -6.71
CA LEU B 280 -28.30 46.67 -5.61
C LEU B 280 -29.36 47.11 -4.59
N VAL B 281 -29.45 48.41 -4.31
CA VAL B 281 -30.54 48.90 -3.48
C VAL B 281 -31.88 48.60 -4.12
N GLU B 282 -32.03 48.95 -5.40
CA GLU B 282 -33.32 48.81 -6.06
C GLU B 282 -33.81 47.37 -6.01
N VAL B 283 -32.94 46.41 -6.34
CA VAL B 283 -33.40 45.03 -6.41
C VAL B 283 -33.52 44.41 -5.01
N SER B 284 -32.88 45.00 -3.99
CA SER B 284 -33.05 44.53 -2.62
C SER B 284 -34.25 45.12 -1.93
N CYS B 285 -34.78 46.23 -2.43
CA CYS B 285 -35.82 46.96 -1.71
C CYS B 285 -37.13 46.16 -1.74
N GLY B 286 -37.67 45.89 -0.55
CA GLY B 286 -38.95 45.20 -0.46
C GLY B 286 -38.91 43.79 -1.02
N LEU B 287 -37.78 43.10 -0.85
CA LEU B 287 -37.59 41.82 -1.53
C LEU B 287 -38.31 40.66 -0.85
N GLY B 288 -38.89 40.87 0.32
CA GLY B 288 -39.54 39.78 1.03
C GLY B 288 -38.54 39.01 1.85
N GLU B 289 -39.05 38.01 2.58
CA GLU B 289 -38.21 37.28 3.53
C GLU B 289 -37.24 36.38 2.80
N ALA B 290 -35.96 36.49 3.15
CA ALA B 290 -34.95 35.57 2.65
C ALA B 290 -35.10 34.23 3.35
N MET B 291 -34.41 33.22 2.84
CA MET B 291 -34.43 31.93 3.51
C MET B 291 -33.92 32.07 4.94
N VAL B 292 -34.51 31.30 5.85
CA VAL B 292 -34.14 31.41 7.26
C VAL B 292 -32.71 30.95 7.49
N GLY B 293 -32.38 29.77 6.97
CA GLY B 293 -31.02 29.26 7.06
C GLY B 293 -30.60 28.92 8.48
N ILE B 294 -29.34 28.52 8.60
CA ILE B 294 -28.77 28.05 9.85
C ILE B 294 -27.46 28.79 10.11
N ASN B 295 -27.28 29.26 11.33
CA ASN B 295 -26.01 29.83 11.74
C ASN B 295 -25.08 28.72 12.26
N SER C 21 14.21 17.43 -26.22
CA SER C 21 14.12 18.40 -25.12
C SER C 21 15.40 18.41 -24.30
N PRO C 22 15.75 19.57 -23.73
CA PRO C 22 16.94 19.63 -22.88
C PRO C 22 16.93 18.61 -21.76
N PHE C 23 15.78 18.40 -21.11
CA PHE C 23 15.72 17.43 -20.03
C PHE C 23 16.01 16.02 -20.53
N SER C 24 15.37 15.63 -21.64
CA SER C 24 15.60 14.29 -22.16
C SER C 24 17.05 14.08 -22.53
N VAL C 25 17.74 15.14 -22.97
CA VAL C 25 19.18 15.03 -23.23
C VAL C 25 19.93 14.74 -21.95
N LYS C 26 19.59 15.45 -20.87
CA LYS C 26 20.22 15.18 -19.58
C LYS C 26 19.91 13.77 -19.10
N VAL C 27 18.66 13.33 -19.28
CA VAL C 27 18.28 11.98 -18.89
C VAL C 27 19.09 10.95 -19.66
N GLY C 28 19.31 11.21 -20.96
CA GLY C 28 20.11 10.30 -21.77
C GLY C 28 21.56 10.24 -21.32
N LEU C 29 22.12 11.37 -20.90
CA LEU C 29 23.48 11.39 -20.38
C LEU C 29 23.61 10.49 -19.16
N ALA C 30 22.68 10.59 -18.21
CA ALA C 30 22.75 9.76 -17.02
C ALA C 30 22.58 8.28 -17.36
N GLN C 31 21.83 7.99 -18.43
CA GLN C 31 21.61 6.59 -18.82
C GLN C 31 22.89 5.91 -19.27
N MET C 32 23.90 6.68 -19.68
CA MET C 32 25.18 6.10 -20.04
C MET C 32 25.89 5.48 -18.84
N LEU C 33 25.45 5.78 -17.62
CA LEU C 33 26.07 5.23 -16.43
C LEU C 33 25.45 3.91 -15.98
N ARG C 34 24.41 3.44 -16.66
N ARG C 34 24.40 3.44 -16.64
CA ARG C 34 23.80 2.16 -16.33
CA ARG C 34 23.76 2.17 -16.26
C ARG C 34 24.85 1.07 -16.19
C ARG C 34 24.80 1.06 -16.21
N GLY C 35 24.63 0.16 -15.25
CA GLY C 35 25.59 -0.91 -15.04
C GLY C 35 26.86 -0.50 -14.35
N GLY C 36 26.93 0.73 -13.83
CA GLY C 36 28.18 1.24 -13.32
C GLY C 36 28.22 1.47 -11.82
N VAL C 37 29.44 1.60 -11.30
CA VAL C 37 29.69 2.00 -9.92
C VAL C 37 30.27 3.41 -9.94
N ILE C 38 29.67 4.30 -9.17
CA ILE C 38 30.20 5.64 -8.96
C ILE C 38 30.91 5.65 -7.62
N MET C 39 32.16 6.06 -7.59
CA MET C 39 32.97 6.03 -6.39
C MET C 39 33.32 7.43 -5.93
N ASP C 40 33.05 7.72 -4.65
CA ASP C 40 33.52 8.95 -4.03
C ASP C 40 35.03 8.91 -3.92
N VAL C 41 35.69 9.99 -4.32
CA VAL C 41 37.15 10.09 -4.28
C VAL C 41 37.52 11.46 -3.71
N VAL C 42 38.57 11.50 -2.91
CA VAL C 42 38.98 12.73 -2.25
C VAL C 42 40.28 13.30 -2.81
N ASN C 43 40.88 12.63 -3.79
CA ASN C 43 42.08 13.16 -4.43
C ASN C 43 42.27 12.45 -5.76
N ALA C 44 43.26 12.93 -6.52
CA ALA C 44 43.54 12.40 -7.84
C ALA C 44 43.92 10.92 -7.79
N GLU C 45 44.68 10.52 -6.77
CA GLU C 45 45.14 9.14 -6.69
C GLU C 45 43.97 8.19 -6.48
N GLN C 46 43.05 8.54 -5.58
CA GLN C 46 41.84 7.73 -5.41
C GLN C 46 41.04 7.72 -6.71
N ALA C 47 40.97 8.87 -7.39
CA ALA C 47 40.27 8.93 -8.67
C ALA C 47 40.86 7.95 -9.66
N ARG C 48 42.20 7.92 -9.78
CA ARG C 48 42.83 6.96 -10.69
C ARG C 48 42.52 5.52 -10.28
N ILE C 49 42.58 5.24 -8.97
CA ILE C 49 42.23 3.91 -8.49
C ILE C 49 40.80 3.56 -8.92
N ALA C 50 39.88 4.52 -8.78
CA ALA C 50 38.49 4.26 -9.16
C ALA C 50 38.37 3.94 -10.64
N GLU C 51 38.97 4.77 -11.49
CA GLU C 51 38.86 4.55 -12.94
C GLU C 51 39.52 3.24 -13.33
N GLU C 52 40.71 2.96 -12.80
CA GLU C 52 41.42 1.72 -13.10
C GLU C 52 40.61 0.50 -12.65
N ALA C 53 39.87 0.63 -11.55
CA ALA C 53 39.01 -0.46 -11.10
C ALA C 53 37.78 -0.62 -11.98
N GLY C 54 37.47 0.34 -12.84
CA GLY C 54 36.32 0.26 -13.70
C GLY C 54 35.11 1.04 -13.24
N ALA C 55 35.27 2.03 -12.37
CA ALA C 55 34.16 2.90 -12.02
C ALA C 55 33.63 3.57 -13.28
N CYS C 56 32.31 3.76 -13.34
CA CYS C 56 31.72 4.48 -14.45
C CYS C 56 31.82 5.98 -14.27
N ALA C 57 32.00 6.45 -13.04
CA ALA C 57 32.19 7.87 -12.76
C ALA C 57 32.80 7.99 -11.37
N VAL C 58 33.35 9.15 -11.08
CA VAL C 58 33.85 9.42 -9.74
C VAL C 58 33.08 10.60 -9.18
N MET C 59 32.91 10.60 -7.86
CA MET C 59 32.28 11.68 -7.12
C MET C 59 33.39 12.42 -6.39
N ALA C 60 33.73 13.61 -6.86
CA ALA C 60 34.82 14.38 -6.29
C ALA C 60 34.33 15.09 -5.03
N LEU C 61 34.99 14.85 -3.91
CA LEU C 61 34.59 15.53 -2.68
C LEU C 61 35.74 15.51 -1.69
N GLU C 62 35.76 16.49 -0.78
CA GLU C 62 36.86 16.59 0.17
C GLU C 62 36.77 15.53 1.26
N ARG C 63 35.55 15.15 1.68
CA ARG C 63 35.34 14.16 2.74
C ARG C 63 34.24 13.19 2.33
N VAL C 64 34.48 11.90 2.51
CA VAL C 64 33.46 10.89 2.20
C VAL C 64 32.40 10.92 3.31
N PRO C 65 31.19 10.42 3.07
CA PRO C 65 30.12 10.52 4.10
C PRO C 65 30.50 9.98 5.46
N ALA C 66 31.21 8.85 5.54
CA ALA C 66 31.59 8.30 6.85
C ALA C 66 32.38 9.32 7.65
N ASP C 67 33.26 10.08 6.98
CA ASP C 67 34.07 11.09 7.66
C ASP C 67 33.25 12.33 7.97
N ILE C 68 32.34 12.71 7.08
CA ILE C 68 31.42 13.81 7.41
C ILE C 68 30.62 13.47 8.65
N ARG C 69 30.17 12.22 8.75
CA ARG C 69 29.41 11.77 9.93
C ARG C 69 30.25 11.87 11.19
N ALA C 70 31.45 11.29 11.16
CA ALA C 70 32.27 11.21 12.36
C ALA C 70 32.75 12.59 12.79
N GLN C 71 33.11 13.45 11.83
CA GLN C 71 33.73 14.73 12.16
C GLN C 71 32.72 15.82 12.47
N GLY C 72 31.51 15.74 11.93
CA GLY C 72 30.58 16.84 12.13
C GLY C 72 31.06 18.09 11.39
N GLY C 73 30.60 19.24 11.89
CA GLY C 73 30.85 20.51 11.24
C GLY C 73 29.96 20.70 10.04
N VAL C 74 30.07 21.87 9.41
CA VAL C 74 29.30 22.14 8.20
C VAL C 74 30.05 21.54 7.01
N ALA C 75 29.33 20.82 6.16
CA ALA C 75 29.90 20.20 4.97
C ALA C 75 29.33 20.88 3.73
N ARG C 76 30.20 21.35 2.86
CA ARG C 76 29.83 22.24 1.78
C ARG C 76 30.34 21.67 0.46
N MET C 77 30.01 22.36 -0.63
CA MET C 77 30.67 22.11 -1.90
C MET C 77 32.18 22.09 -1.70
N SER C 78 32.85 21.19 -2.42
CA SER C 78 34.30 21.10 -2.30
C SER C 78 34.97 22.23 -3.06
N ASP C 79 36.23 22.49 -2.69
CA ASP C 79 36.99 23.54 -3.35
C ASP C 79 37.09 23.23 -4.83
N PRO C 80 36.75 24.17 -5.72
CA PRO C 80 36.87 23.93 -7.16
C PRO C 80 38.26 23.44 -7.58
N GLN C 81 39.30 23.87 -6.86
CA GLN C 81 40.64 23.43 -7.17
C GLN C 81 40.77 21.91 -7.07
N MET C 82 40.25 21.33 -5.97
CA MET C 82 40.42 19.90 -5.80
C MET C 82 39.54 19.12 -6.78
N ILE C 83 38.38 19.70 -7.15
CA ILE C 83 37.53 19.06 -8.15
C ILE C 83 38.21 19.06 -9.51
N LYS C 84 38.77 20.21 -9.91
CA LYS C 84 39.51 20.29 -11.17
C LYS C 84 40.66 19.29 -11.20
N GLU C 85 41.38 19.15 -10.08
CA GLU C 85 42.46 18.18 -10.04
C GLU C 85 41.95 16.77 -10.30
N ILE C 86 40.82 16.40 -9.69
CA ILE C 86 40.26 15.08 -9.93
C ILE C 86 39.81 14.95 -11.38
N LYS C 87 39.16 16.00 -11.91
CA LYS C 87 38.71 15.97 -13.29
C LYS C 87 39.87 15.79 -14.27
N GLN C 88 41.00 16.45 -14.00
CA GLN C 88 42.17 16.32 -14.87
C GLN C 88 42.81 14.94 -14.79
N ALA C 89 42.56 14.20 -13.69
CA ALA C 89 43.25 12.94 -13.48
C ALA C 89 42.54 11.74 -14.07
N VAL C 90 41.31 11.89 -14.55
CA VAL C 90 40.52 10.78 -15.06
C VAL C 90 39.86 11.17 -16.37
N THR C 91 39.41 10.17 -17.12
CA THR C 91 38.65 10.41 -18.33
C THR C 91 37.18 10.02 -18.20
N ILE C 92 36.81 9.32 -17.13
CA ILE C 92 35.41 9.00 -16.85
C ILE C 92 34.72 10.26 -16.31
N PRO C 93 33.39 10.32 -16.34
CA PRO C 93 32.71 11.53 -15.84
C PRO C 93 33.04 11.81 -14.38
N VAL C 94 32.95 13.09 -14.02
CA VAL C 94 33.21 13.55 -12.68
C VAL C 94 31.94 14.20 -12.15
N MET C 95 31.50 13.76 -10.99
CA MET C 95 30.39 14.37 -10.28
C MET C 95 30.94 15.10 -9.07
N ALA C 96 30.14 16.03 -8.56
CA ALA C 96 30.47 16.69 -7.31
C ALA C 96 29.17 17.10 -6.64
N LYS C 97 29.25 17.34 -5.33
N LYS C 97 29.25 17.33 -5.33
CA LYS C 97 28.07 17.56 -4.51
CA LYS C 97 28.07 17.55 -4.51
C LYS C 97 27.86 19.05 -4.26
C LYS C 97 27.85 19.04 -4.24
N ALA C 98 26.60 19.45 -4.26
CA ALA C 98 26.19 20.76 -3.80
C ALA C 98 25.21 20.54 -2.66
N ARG C 99 25.21 21.45 -1.69
CA ARG C 99 24.25 21.37 -0.62
C ARG C 99 22.85 21.52 -1.17
N ILE C 100 21.90 20.84 -0.53
CA ILE C 100 20.50 20.94 -0.96
C ILE C 100 20.07 22.39 -0.89
N GLY C 101 19.54 22.91 -1.99
CA GLY C 101 19.06 24.27 -2.06
C GLY C 101 20.13 25.27 -2.42
N HIS C 102 21.40 24.86 -2.46
CA HIS C 102 22.48 25.83 -2.66
C HIS C 102 22.75 25.97 -4.16
N PHE C 103 21.88 26.74 -4.81
CA PHE C 103 21.96 26.83 -6.27
C PHE C 103 23.21 27.57 -6.71
N VAL C 104 23.85 28.36 -5.85
CA VAL C 104 25.09 29.02 -6.29
C VAL C 104 26.26 28.04 -6.25
N GLU C 105 26.32 27.15 -5.25
CA GLU C 105 27.28 26.06 -5.31
C GLU C 105 27.13 25.28 -6.60
N ALA C 106 25.88 25.02 -7.02
CA ALA C 106 25.66 24.32 -8.28
C ALA C 106 26.11 25.14 -9.48
N GLN C 107 25.90 26.46 -9.45
CA GLN C 107 26.38 27.32 -10.52
C GLN C 107 27.89 27.22 -10.66
N ILE C 108 28.59 27.19 -9.54
CA ILE C 108 30.04 27.07 -9.55
C ILE C 108 30.46 25.71 -10.11
N LEU C 109 29.81 24.64 -9.64
CA LEU C 109 30.15 23.31 -10.13
C LEU C 109 29.92 23.20 -11.63
N GLU C 110 28.80 23.74 -12.12
CA GLU C 110 28.58 23.75 -13.56
C GLU C 110 29.68 24.53 -14.27
N ALA C 111 30.06 25.68 -13.74
CA ALA C 111 31.07 26.50 -14.39
C ALA C 111 32.44 25.84 -14.39
N ILE C 112 32.71 24.91 -13.47
CA ILE C 112 33.94 24.13 -13.48
C ILE C 112 33.98 23.17 -14.67
N GLY C 113 32.82 22.81 -15.21
CA GLY C 113 32.79 21.87 -16.32
C GLY C 113 32.73 20.43 -15.88
N ILE C 114 32.21 20.13 -14.69
CA ILE C 114 32.05 18.74 -14.32
C ILE C 114 30.83 18.20 -15.02
N ASP C 115 30.56 16.92 -14.83
CA ASP C 115 29.57 16.23 -15.64
C ASP C 115 28.24 16.07 -14.96
N TYR C 116 28.22 15.95 -13.64
CA TYR C 116 26.98 15.80 -12.90
C TYR C 116 27.12 16.53 -11.57
N ILE C 117 26.00 17.04 -11.08
CA ILE C 117 25.92 17.59 -9.74
C ILE C 117 24.99 16.71 -8.92
N ASP C 118 25.47 16.29 -7.76
CA ASP C 118 24.65 15.57 -6.80
C ASP C 118 24.18 16.59 -5.77
N GLU C 119 22.89 16.91 -5.80
CA GLU C 119 22.33 17.78 -4.77
C GLU C 119 22.12 16.89 -3.54
N SER C 120 23.03 16.96 -2.58
CA SER C 120 23.27 15.84 -1.68
C SER C 120 22.88 16.16 -0.24
N GLU C 121 22.09 15.27 0.34
CA GLU C 121 21.78 15.34 1.76
C GLU C 121 22.97 14.98 2.64
N VAL C 122 24.05 14.45 2.06
CA VAL C 122 25.23 14.18 2.87
C VAL C 122 25.89 15.48 3.29
N LEU C 123 25.85 16.49 2.43
CA LEU C 123 26.31 17.81 2.82
C LEU C 123 25.28 18.49 3.71
N THR C 124 25.69 19.59 4.34
CA THR C 124 24.80 20.26 5.27
C THR C 124 23.68 20.95 4.51
N LEU C 125 22.44 20.66 4.88
CA LEU C 125 21.30 21.30 4.24
C LEU C 125 21.47 22.82 4.23
N ALA C 126 21.29 23.43 3.04
CA ALA C 126 21.38 24.89 2.91
C ALA C 126 20.02 25.58 2.87
N ASP C 127 18.99 24.86 2.44
CA ASP C 127 17.63 25.41 2.34
C ASP C 127 16.70 24.32 2.84
N GLU C 128 16.06 24.58 3.99
CA GLU C 128 15.23 23.55 4.59
C GLU C 128 13.96 23.30 3.79
N ASP C 129 13.54 24.26 2.97
CA ASP C 129 12.21 24.19 2.36
C ASP C 129 12.23 23.96 0.87
N HIS C 130 13.34 24.22 0.19
CA HIS C 130 13.38 24.15 -1.26
C HIS C 130 14.67 23.51 -1.72
N HIS C 131 14.57 22.70 -2.76
CA HIS C 131 15.73 22.20 -3.47
C HIS C 131 16.10 23.16 -4.60
N ILE C 132 17.25 22.88 -5.22
CA ILE C 132 17.67 23.66 -6.37
C ILE C 132 16.69 23.46 -7.51
N ASN C 133 16.35 24.57 -8.19
CA ASN C 133 15.64 24.48 -9.44
C ASN C 133 16.60 23.98 -10.51
N LYS C 134 16.63 22.67 -10.70
CA LYS C 134 17.66 22.06 -11.53
C LYS C 134 17.43 22.29 -13.02
N HIS C 135 16.21 22.66 -13.41
CA HIS C 135 15.94 23.02 -14.80
C HIS C 135 16.70 24.26 -15.24
N ASN C 136 17.18 25.07 -14.30
CA ASN C 136 17.95 26.26 -14.63
C ASN C 136 19.38 25.96 -15.04
N PHE C 137 19.77 24.69 -15.11
CA PHE C 137 21.15 24.32 -15.37
C PHE C 137 21.23 23.48 -16.65
N ARG C 138 22.40 23.52 -17.28
CA ARG C 138 22.65 22.64 -18.42
C ARG C 138 23.16 21.28 -17.99
N ILE C 139 23.84 21.23 -16.85
CA ILE C 139 24.47 20.01 -16.34
C ILE C 139 23.40 19.12 -15.71
N PRO C 140 23.46 17.81 -15.89
CA PRO C 140 22.48 16.94 -15.23
C PRO C 140 22.75 16.85 -13.73
N PHE C 141 21.66 16.72 -12.96
CA PHE C 141 21.70 16.55 -11.52
C PHE C 141 21.28 15.14 -11.11
N VAL C 142 21.91 14.67 -10.03
N VAL C 142 21.88 14.65 -10.03
CA VAL C 142 21.44 13.52 -9.28
CA VAL C 142 21.35 13.46 -9.36
C VAL C 142 20.80 14.03 -8.00
C VAL C 142 20.87 13.87 -7.98
N CYS C 143 19.68 13.41 -7.61
CA CYS C 143 19.08 13.69 -6.31
C CYS C 143 18.80 12.36 -5.61
N GLY C 144 18.84 12.41 -4.27
CA GLY C 144 18.47 11.25 -3.47
C GLY C 144 16.97 11.18 -3.21
N CYS C 145 16.53 10.03 -2.71
CA CYS C 145 15.13 9.82 -2.40
C CYS C 145 15.01 8.66 -1.44
N ARG C 146 13.89 8.64 -0.70
N ARG C 146 13.91 8.64 -0.70
CA ARG C 146 13.55 7.52 0.15
CA ARG C 146 13.56 7.50 0.14
C ARG C 146 12.30 6.79 -0.31
C ARG C 146 12.32 6.77 -0.34
N ASN C 147 11.58 7.34 -1.28
CA ASN C 147 10.32 6.78 -1.71
C ASN C 147 10.00 7.37 -3.07
N LEU C 148 8.96 6.84 -3.70
CA LEU C 148 8.66 7.24 -5.07
C LEU C 148 8.25 8.70 -5.16
N GLY C 149 7.41 9.17 -4.22
CA GLY C 149 6.97 10.56 -4.29
C GLY C 149 8.14 11.52 -4.25
N GLU C 150 9.11 11.24 -3.39
CA GLU C 150 10.28 12.10 -3.29
C GLU C 150 11.11 12.05 -4.57
N ALA C 151 11.26 10.85 -5.14
CA ALA C 151 11.97 10.74 -6.41
C ALA C 151 11.31 11.59 -7.47
N LEU C 152 9.98 11.51 -7.58
CA LEU C 152 9.30 12.24 -8.63
C LEU C 152 9.33 13.75 -8.38
N ARG C 153 9.31 14.18 -7.11
CA ARG C 153 9.45 15.61 -6.83
C ARG C 153 10.81 16.11 -7.26
N ARG C 154 11.86 15.35 -6.98
CA ARG C 154 13.20 15.74 -7.44
C ARG C 154 13.26 15.78 -8.95
N ILE C 155 12.65 14.80 -9.62
CA ILE C 155 12.63 14.79 -11.08
C ILE C 155 11.88 16.00 -11.60
N ARG C 156 10.77 16.36 -10.97
CA ARG C 156 10.03 17.53 -11.46
C ARG C 156 10.85 18.79 -11.34
N GLU C 157 11.67 18.89 -10.28
CA GLU C 157 12.58 20.01 -10.14
C GLU C 157 13.69 19.98 -11.17
N GLY C 158 13.84 18.87 -11.89
CA GLY C 158 14.83 18.79 -12.96
C GLY C 158 15.91 17.75 -12.75
N ALA C 159 15.83 16.93 -11.69
CA ALA C 159 16.81 15.86 -11.52
C ALA C 159 16.76 14.91 -12.72
N ALA C 160 17.91 14.64 -13.33
CA ALA C 160 18.02 13.71 -14.45
C ALA C 160 18.41 12.32 -14.01
N MET C 161 18.63 12.13 -12.71
CA MET C 161 19.08 10.86 -12.17
C MET C 161 18.69 10.83 -10.71
N ILE C 162 18.32 9.64 -10.24
CA ILE C 162 17.85 9.45 -8.88
C ILE C 162 18.68 8.36 -8.23
N ARG C 163 19.03 8.58 -6.97
CA ARG C 163 19.62 7.52 -6.15
C ARG C 163 18.83 7.39 -4.86
N THR C 164 18.91 6.23 -4.23
CA THR C 164 18.40 6.18 -2.87
C THR C 164 19.29 7.03 -1.97
N LYS C 165 18.71 7.47 -0.87
CA LYS C 165 19.55 8.11 0.15
C LYS C 165 20.27 7.07 0.99
N GLY C 166 19.60 5.96 1.27
N GLY C 166 19.59 5.97 1.31
CA GLY C 166 20.08 5.03 2.27
CA GLY C 166 20.13 4.99 2.23
C GLY C 166 20.38 5.75 3.57
C GLY C 166 20.54 5.63 3.55
N GLU C 167 21.40 5.27 4.27
N GLU C 167 21.58 5.05 4.15
CA GLU C 167 21.98 5.99 5.40
CA GLU C 167 22.19 5.55 5.38
C GLU C 167 23.47 6.08 5.07
C GLU C 167 23.65 5.85 5.02
N ALA C 168 23.89 7.25 4.59
N ALA C 168 23.91 7.08 4.60
CA ALA C 168 25.22 7.37 4.02
CA ALA C 168 25.21 7.39 4.03
C ALA C 168 26.30 7.29 5.08
C ALA C 168 26.31 7.30 5.08
N GLY C 169 27.40 6.63 4.74
CA GLY C 169 28.56 6.55 5.60
C GLY C 169 28.48 5.55 6.74
N THR C 170 27.44 4.75 6.82
CA THR C 170 27.30 3.78 7.90
C THR C 170 27.75 2.38 7.51
N GLY C 171 28.00 2.11 6.23
CA GLY C 171 28.27 0.74 5.81
C GLY C 171 27.11 -0.22 6.03
N ASN C 172 25.93 0.32 6.33
CA ASN C 172 24.74 -0.49 6.62
C ASN C 172 23.74 -0.27 5.50
N ILE C 173 23.40 -1.33 4.76
CA ILE C 173 22.53 -1.18 3.61
C ILE C 173 21.05 -1.19 3.95
N ILE C 174 20.67 -1.33 5.22
CA ILE C 174 19.27 -1.60 5.54
C ILE C 174 18.37 -0.48 5.02
N GLU C 175 18.80 0.78 5.17
CA GLU C 175 17.94 1.88 4.72
C GLU C 175 17.90 1.96 3.20
N ALA C 176 19.04 1.69 2.53
CA ALA C 176 19.04 1.67 1.07
C ALA C 176 18.13 0.58 0.55
N VAL C 177 18.14 -0.59 1.20
CA VAL C 177 17.18 -1.64 0.84
C VAL C 177 15.76 -1.13 1.01
N ARG C 178 15.48 -0.46 2.14
CA ARG C 178 14.15 0.09 2.35
C ARG C 178 13.76 1.04 1.23
N HIS C 179 14.67 1.93 0.85
CA HIS C 179 14.33 2.94 -0.15
C HIS C 179 14.13 2.31 -1.51
N VAL C 180 15.01 1.38 -1.89
CA VAL C 180 14.87 0.67 -3.15
C VAL C 180 13.53 -0.08 -3.19
N ARG C 181 13.24 -0.85 -2.14
CA ARG C 181 11.99 -1.59 -2.13
C ARG C 181 10.80 -0.63 -2.12
N SER C 182 10.93 0.50 -1.44
CA SER C 182 9.83 1.46 -1.43
C SER C 182 9.56 2.01 -2.83
N VAL C 183 10.60 2.54 -3.47
CA VAL C 183 10.43 3.08 -4.82
C VAL C 183 9.96 2.00 -5.77
N ASN C 184 10.65 0.85 -5.79
CA ASN C 184 10.29 -0.22 -6.71
C ASN C 184 8.89 -0.74 -6.41
N GLY C 185 8.56 -0.86 -5.13
CA GLY C 185 7.25 -1.39 -4.76
C GLY C 185 6.13 -0.49 -5.24
N ASP C 186 6.28 0.82 -5.04
CA ASP C 186 5.22 1.74 -5.47
C ASP C 186 5.16 1.85 -6.99
N ILE C 187 6.28 1.71 -7.68
CA ILE C 187 6.22 1.63 -9.14
C ILE C 187 5.40 0.41 -9.57
N ARG C 188 5.60 -0.73 -8.92
CA ARG C 188 4.86 -1.93 -9.30
C ARG C 188 3.38 -1.77 -9.00
N VAL C 189 3.06 -1.13 -7.88
CA VAL C 189 1.66 -0.85 -7.56
C VAL C 189 1.01 -0.05 -8.68
N LEU C 190 1.75 0.88 -9.27
CA LEU C 190 1.18 1.72 -10.33
C LEU C 190 0.71 0.90 -11.53
N ARG C 191 1.42 -0.18 -11.85
CA ARG C 191 1.19 -0.89 -13.10
C ARG C 191 -0.25 -1.34 -13.25
N ASN C 192 -0.77 -2.06 -12.27
CA ASN C 192 -2.12 -2.59 -12.33
C ASN C 192 -3.14 -1.67 -11.69
N MET C 193 -2.72 -0.50 -11.23
CA MET C 193 -3.64 0.36 -10.50
C MET C 193 -4.73 0.88 -11.43
N ASP C 194 -5.97 0.86 -10.93
CA ASP C 194 -7.08 1.51 -11.62
C ASP C 194 -6.71 2.94 -11.96
N ASP C 195 -6.76 3.29 -13.25
CA ASP C 195 -6.44 4.65 -13.67
C ASP C 195 -7.14 5.70 -12.80
N ASP C 196 -8.39 5.42 -12.42
CA ASP C 196 -9.15 6.44 -11.70
C ASP C 196 -8.63 6.65 -10.30
N GLU C 197 -7.85 5.72 -9.78
CA GLU C 197 -7.28 5.84 -8.44
C GLU C 197 -5.93 6.56 -8.45
N VAL C 198 -5.39 6.83 -9.64
CA VAL C 198 -4.05 7.39 -9.69
C VAL C 198 -4.03 8.84 -9.20
N PHE C 199 -5.11 9.60 -9.39
CA PHE C 199 -5.13 10.97 -8.88
C PHE C 199 -4.92 10.99 -7.36
N THR C 200 -5.65 10.16 -6.64
CA THR C 200 -5.48 10.09 -5.20
C THR C 200 -4.11 9.55 -4.83
N PHE C 201 -3.61 8.58 -5.59
CA PHE C 201 -2.27 8.06 -5.34
C PHE C 201 -1.22 9.14 -5.48
N ALA C 202 -1.33 9.98 -6.52
CA ALA C 202 -0.40 11.09 -6.70
C ALA C 202 -0.50 12.08 -5.55
N LYS C 203 -1.72 12.35 -5.08
N LYS C 203 -1.71 12.34 -5.06
CA LYS C 203 -1.88 13.19 -3.90
CA LYS C 203 -1.86 13.20 -3.89
C LYS C 203 -1.21 12.56 -2.68
C LYS C 203 -1.20 12.55 -2.67
N LYS C 204 -1.44 11.26 -2.47
CA LYS C 204 -0.86 10.57 -1.33
C LYS C 204 0.66 10.61 -1.37
N LEU C 205 1.24 10.49 -2.56
CA LEU C 205 2.68 10.57 -2.76
C LEU C 205 3.20 11.99 -2.77
N ALA C 206 2.32 12.99 -2.79
CA ALA C 206 2.70 14.40 -2.96
C ALA C 206 3.58 14.55 -4.20
N ALA C 207 3.16 13.91 -5.28
CA ALA C 207 3.97 13.80 -6.48
C ALA C 207 3.23 14.39 -7.66
N PRO C 208 3.93 14.96 -8.63
CA PRO C 208 3.26 15.46 -9.84
C PRO C 208 2.56 14.33 -10.57
N TYR C 209 1.24 14.51 -10.76
CA TYR C 209 0.43 13.49 -11.39
C TYR C 209 1.00 13.05 -12.73
N ASP C 210 1.48 14.00 -13.54
CA ASP C 210 1.95 13.65 -14.87
C ASP C 210 3.18 12.74 -14.80
N LEU C 211 4.06 12.97 -13.82
CA LEU C 211 5.21 12.09 -13.65
C LEU C 211 4.78 10.73 -13.09
N VAL C 212 3.77 10.73 -12.23
CA VAL C 212 3.22 9.46 -11.76
C VAL C 212 2.72 8.65 -12.95
N MET C 213 1.96 9.30 -13.85
CA MET C 213 1.46 8.60 -15.03
C MET C 213 2.59 8.16 -15.94
N GLN C 214 3.60 9.00 -16.14
CA GLN C 214 4.74 8.58 -16.94
C GLN C 214 5.38 7.32 -16.36
N THR C 215 5.55 7.31 -15.04
CA THR C 215 6.10 6.15 -14.35
C THR C 215 5.22 4.92 -14.55
N LYS C 216 3.91 5.09 -14.44
CA LYS C 216 3.00 4.00 -14.70
C LYS C 216 3.15 3.50 -16.13
N GLN C 217 3.27 4.41 -17.09
CA GLN C 217 3.40 4.01 -18.48
C GLN C 217 4.70 3.28 -18.73
N LEU C 218 5.78 3.71 -18.09
CA LEU C 218 7.08 3.08 -18.31
C LEU C 218 7.24 1.79 -17.54
N GLY C 219 6.54 1.65 -16.42
CA GLY C 219 6.83 0.55 -15.53
C GLY C 219 8.15 0.68 -14.81
N ARG C 220 8.71 1.88 -14.79
CA ARG C 220 9.95 2.14 -14.08
C ARG C 220 10.09 3.64 -13.91
N LEU C 221 11.08 4.04 -13.12
CA LEU C 221 11.33 5.44 -12.93
C LEU C 221 11.69 6.09 -14.27
N PRO C 222 11.23 7.31 -14.53
CA PRO C 222 11.53 7.96 -15.82
C PRO C 222 12.98 8.39 -15.96
N VAL C 223 13.81 8.21 -14.94
CA VAL C 223 15.24 8.46 -15.06
C VAL C 223 15.97 7.27 -14.47
N VAL C 224 17.27 7.23 -14.74
CA VAL C 224 18.13 6.20 -14.16
C VAL C 224 18.05 6.24 -12.64
N GLN C 225 18.10 5.06 -12.02
CA GLN C 225 17.84 4.87 -10.60
C GLN C 225 18.98 4.06 -9.99
N PHE C 226 19.83 4.73 -9.21
CA PHE C 226 20.98 4.08 -8.59
C PHE C 226 20.72 3.82 -7.11
N ALA C 227 21.33 2.75 -6.61
CA ALA C 227 21.39 2.53 -5.17
C ALA C 227 22.51 3.35 -4.56
N ALA C 228 22.29 3.84 -3.35
CA ALA C 228 23.32 4.62 -2.67
C ALA C 228 23.08 4.55 -1.17
N GLY C 229 24.17 4.55 -0.41
CA GLY C 229 24.09 4.66 1.02
C GLY C 229 24.36 3.34 1.70
N GLY C 230 25.56 3.18 2.26
CA GLY C 230 25.88 2.01 3.06
C GLY C 230 26.37 0.81 2.28
N VAL C 231 26.52 0.92 0.97
CA VAL C 231 27.00 -0.21 0.17
C VAL C 231 28.45 -0.48 0.55
N ALA C 232 28.71 -1.62 1.20
CA ALA C 232 30.02 -1.87 1.77
C ALA C 232 30.75 -3.07 1.16
N THR C 233 30.04 -4.03 0.59
CA THR C 233 30.62 -5.27 0.09
C THR C 233 30.15 -5.55 -1.32
N PRO C 234 30.86 -6.41 -2.06
CA PRO C 234 30.33 -6.88 -3.34
C PRO C 234 28.93 -7.46 -3.21
N ALA C 235 28.67 -8.24 -2.15
CA ALA C 235 27.32 -8.76 -1.95
C ALA C 235 26.30 -7.63 -1.87
N ASP C 236 26.62 -6.57 -1.12
CA ASP C 236 25.71 -5.43 -1.03
C ASP C 236 25.39 -4.87 -2.40
N ALA C 237 26.43 -4.62 -3.21
CA ALA C 237 26.25 -3.99 -4.50
C ALA C 237 25.42 -4.86 -5.42
N ALA C 238 25.72 -6.17 -5.47
CA ALA C 238 24.93 -7.06 -6.31
C ALA C 238 23.50 -7.19 -5.80
N LEU C 239 23.30 -7.10 -4.49
CA LEU C 239 21.94 -7.10 -3.95
C LEU C 239 21.13 -5.95 -4.52
N MET C 240 21.71 -4.75 -4.53
CA MET C 240 21.02 -3.59 -5.09
C MET C 240 20.68 -3.80 -6.56
N MET C 241 21.61 -4.39 -7.31
CA MET C 241 21.34 -4.65 -8.72
C MET C 241 20.24 -5.69 -8.89
N GLN C 242 20.23 -6.74 -8.07
CA GLN C 242 19.17 -7.74 -8.19
C GLN C 242 17.83 -7.17 -7.76
N LEU C 243 17.83 -6.19 -6.85
CA LEU C 243 16.60 -5.49 -6.51
C LEU C 243 16.12 -4.56 -7.62
N GLY C 244 16.93 -4.31 -8.65
CA GLY C 244 16.49 -3.59 -9.83
C GLY C 244 17.17 -2.26 -10.09
N CYS C 245 18.16 -1.86 -9.29
CA CYS C 245 18.83 -0.59 -9.54
C CYS C 245 19.66 -0.65 -10.82
N ASP C 246 19.88 0.53 -11.41
CA ASP C 246 20.68 0.66 -12.61
C ASP C 246 22.18 0.76 -12.33
N GLY C 247 22.56 0.86 -11.08
CA GLY C 247 23.95 1.10 -10.72
C GLY C 247 24.01 1.43 -9.23
N VAL C 248 25.22 1.60 -8.73
CA VAL C 248 25.39 1.87 -7.31
C VAL C 248 26.42 2.97 -7.11
N PHE C 249 26.20 3.78 -6.07
CA PHE C 249 27.22 4.66 -5.52
C PHE C 249 27.90 3.97 -4.36
N VAL C 250 29.22 4.14 -4.25
CA VAL C 250 29.96 3.72 -3.07
C VAL C 250 30.77 4.92 -2.60
N GLY C 251 30.45 5.44 -1.42
CA GLY C 251 31.07 6.64 -0.95
C GLY C 251 32.20 6.35 0.01
N SER C 252 31.90 5.56 1.03
CA SER C 252 32.84 5.27 2.09
C SER C 252 33.40 3.86 2.04
N GLY C 253 32.62 2.92 1.52
CA GLY C 253 32.94 1.51 1.66
C GLY C 253 34.21 1.07 0.97
N ILE C 254 34.73 1.85 0.04
CA ILE C 254 35.95 1.43 -0.66
C ILE C 254 37.18 1.97 0.06
N PHE C 255 37.27 3.29 0.18
CA PHE C 255 38.50 3.89 0.70
C PHE C 255 38.53 3.95 2.22
N LYS C 256 37.42 3.64 2.90
CA LYS C 256 37.46 3.36 4.34
C LYS C 256 37.65 1.88 4.65
N SER C 257 37.94 1.05 3.65
CA SER C 257 38.14 -0.38 3.85
C SER C 257 39.63 -0.71 3.86
N GLY C 258 39.93 -1.97 4.18
CA GLY C 258 41.31 -2.39 4.33
C GLY C 258 42.07 -2.51 3.02
N ASP C 259 41.37 -2.80 1.92
CA ASP C 259 42.00 -2.98 0.62
C ASP C 259 41.19 -2.23 -0.44
N PRO C 260 41.32 -0.88 -0.50
CA PRO C 260 40.50 -0.07 -1.42
C PRO C 260 40.52 -0.50 -2.88
N ALA C 261 41.70 -0.59 -3.51
CA ALA C 261 41.74 -0.90 -4.94
C ALA C 261 41.12 -2.26 -5.24
N ARG C 262 41.35 -3.23 -4.34
CA ARG C 262 40.78 -4.55 -4.57
C ARG C 262 39.28 -4.55 -4.34
N ARG C 263 38.83 -3.89 -3.27
CA ARG C 263 37.40 -3.82 -3.02
C ARG C 263 36.70 -3.02 -4.11
N ALA C 264 37.34 -1.95 -4.58
CA ALA C 264 36.77 -1.16 -5.68
C ALA C 264 36.54 -2.05 -6.89
N ARG C 265 37.54 -2.83 -7.28
CA ARG C 265 37.40 -3.73 -8.41
C ARG C 265 36.33 -4.79 -8.14
N ALA C 266 36.33 -5.36 -6.93
CA ALA C 266 35.37 -6.40 -6.59
C ALA C 266 33.94 -5.87 -6.69
N ILE C 267 33.70 -4.65 -6.24
CA ILE C 267 32.37 -4.09 -6.30
C ILE C 267 31.97 -3.81 -7.75
N VAL C 268 32.90 -3.30 -8.55
CA VAL C 268 32.62 -3.11 -9.97
C VAL C 268 32.24 -4.44 -10.61
N GLN C 269 33.02 -5.49 -10.35
CA GLN C 269 32.72 -6.80 -10.91
C GLN C 269 31.37 -7.31 -10.40
N ALA C 270 31.06 -7.03 -9.14
CA ALA C 270 29.80 -7.50 -8.58
C ALA C 270 28.63 -6.83 -9.26
N VAL C 271 28.76 -5.55 -9.61
CA VAL C 271 27.68 -4.84 -10.28
C VAL C 271 27.57 -5.31 -11.73
N THR C 272 28.71 -5.52 -12.39
CA THR C 272 28.68 -6.00 -13.76
C THR C 272 28.12 -7.41 -13.85
N HIS C 273 28.42 -8.25 -12.85
CA HIS C 273 28.04 -9.66 -12.89
C HIS C 273 27.15 -10.03 -11.71
N TYR C 274 26.16 -9.20 -11.42
CA TYR C 274 25.41 -9.35 -10.18
C TYR C 274 24.62 -10.64 -10.09
N SER C 275 24.36 -11.29 -11.22
CA SER C 275 23.57 -12.52 -11.21
C SER C 275 24.43 -13.77 -11.23
N ASP C 276 25.75 -13.63 -11.08
CA ASP C 276 26.69 -14.75 -11.19
C ASP C 276 27.30 -15.04 -9.82
N PRO C 277 26.71 -15.96 -9.04
CA PRO C 277 27.23 -16.21 -7.69
C PRO C 277 28.67 -16.71 -7.68
N GLU C 278 29.08 -17.44 -8.71
CA GLU C 278 30.48 -17.88 -8.78
C GLU C 278 31.41 -16.68 -8.83
N MET C 279 31.05 -15.66 -9.61
CA MET C 279 31.84 -14.44 -9.66
C MET C 279 31.76 -13.70 -8.33
N LEU C 280 30.58 -13.63 -7.75
CA LEU C 280 30.44 -12.94 -6.46
C LEU C 280 31.31 -13.59 -5.40
N VAL C 281 31.37 -14.94 -5.40
CA VAL C 281 32.27 -15.63 -4.49
C VAL C 281 33.71 -15.24 -4.76
N GLU C 282 34.12 -15.32 -6.03
CA GLU C 282 35.52 -15.06 -6.38
C GLU C 282 35.95 -13.67 -5.94
N VAL C 283 35.14 -12.65 -6.23
CA VAL C 283 35.58 -11.29 -5.91
C VAL C 283 35.46 -11.00 -4.43
N SER C 284 34.64 -11.74 -3.69
CA SER C 284 34.52 -11.53 -2.26
C SER C 284 35.57 -12.31 -1.46
N CYS C 285 36.18 -13.32 -2.07
CA CYS C 285 37.09 -14.22 -1.36
C CYS C 285 38.38 -13.49 -1.01
N GLY C 286 38.71 -13.45 0.27
CA GLY C 286 39.96 -12.84 0.74
C GLY C 286 40.03 -11.35 0.51
N LEU C 287 38.91 -10.64 0.67
CA LEU C 287 38.86 -9.25 0.26
C LEU C 287 39.44 -8.28 1.29
N GLY C 288 39.77 -8.75 2.49
CA GLY C 288 40.18 -7.86 3.56
C GLY C 288 38.98 -7.27 4.28
N GLU C 289 39.27 -6.43 5.26
CA GLU C 289 38.21 -5.91 6.12
C GLU C 289 37.35 -4.90 5.37
N ALA C 290 36.03 -5.05 5.50
CA ALA C 290 35.14 -3.99 5.07
C ALA C 290 35.24 -2.81 6.03
N MET C 291 34.58 -1.71 5.67
CA MET C 291 34.49 -0.60 6.60
C MET C 291 33.72 -1.03 7.86
N VAL C 292 34.13 -0.46 8.99
CA VAL C 292 33.48 -0.81 10.27
C VAL C 292 32.02 -0.42 10.24
N GLY C 293 31.73 0.85 9.96
CA GLY C 293 30.37 1.33 9.91
C GLY C 293 29.72 1.46 11.29
N ILE C 294 28.43 1.77 11.26
CA ILE C 294 27.63 1.98 12.48
C ILE C 294 26.30 1.27 12.30
N ASN C 295 25.81 0.65 13.36
CA ASN C 295 24.48 0.04 13.32
C ASN C 295 23.44 0.96 13.95
N SER D 21 15.50 -29.90 -5.81
CA SER D 21 14.97 -30.84 -4.81
C SER D 21 13.88 -30.18 -3.97
N PRO D 22 12.87 -30.95 -3.57
CA PRO D 22 11.77 -30.38 -2.79
C PRO D 22 12.22 -29.94 -1.41
N PHE D 23 11.35 -29.13 -0.80
CA PHE D 23 11.57 -28.69 0.58
C PHE D 23 11.70 -29.87 1.54
N SER D 24 10.96 -30.96 1.31
CA SER D 24 11.01 -32.09 2.22
C SER D 24 12.38 -32.73 2.25
N VAL D 25 13.13 -32.68 1.15
CA VAL D 25 14.50 -33.18 1.15
C VAL D 25 15.35 -32.37 2.13
N LYS D 26 15.23 -31.05 2.07
CA LYS D 26 15.96 -30.19 3.00
C LYS D 26 15.54 -30.44 4.43
N VAL D 27 14.24 -30.59 4.67
CA VAL D 27 13.77 -30.87 6.03
C VAL D 27 14.32 -32.19 6.52
N GLY D 28 14.35 -33.21 5.66
CA GLY D 28 14.87 -34.50 6.05
C GLY D 28 16.35 -34.46 6.30
N LEU D 29 17.08 -33.70 5.49
CA LEU D 29 18.51 -33.52 5.69
C LEU D 29 18.79 -32.98 7.09
N ALA D 30 18.07 -31.92 7.49
CA ALA D 30 18.33 -31.29 8.78
C ALA D 30 18.03 -32.22 9.94
N GLN D 31 17.17 -33.22 9.74
CA GLN D 31 16.89 -34.19 10.80
C GLN D 31 18.13 -34.95 11.22
N MET D 32 19.15 -35.01 10.36
CA MET D 32 20.38 -35.69 10.73
C MET D 32 21.09 -35.01 11.89
N LEU D 33 20.80 -33.74 12.15
CA LEU D 33 21.45 -33.01 13.22
C LEU D 33 20.81 -33.25 14.58
N ARG D 34 19.65 -33.92 14.63
N ARG D 34 19.65 -33.91 14.62
CA ARG D 34 18.97 -34.14 15.90
CA ARG D 34 18.96 -34.17 15.89
C ARG D 34 19.90 -34.85 16.88
C ARG D 34 19.90 -34.86 16.88
N GLY D 35 19.87 -34.39 18.13
CA GLY D 35 20.74 -34.92 19.15
C GLY D 35 22.11 -34.29 19.19
N GLY D 36 22.34 -33.26 18.37
CA GLY D 36 23.67 -32.71 18.20
C GLY D 36 23.83 -31.31 18.79
N VAL D 37 25.08 -30.90 18.90
CA VAL D 37 25.45 -29.54 19.27
C VAL D 37 26.10 -28.90 18.06
N ILE D 38 25.69 -27.68 17.74
CA ILE D 38 26.30 -26.91 16.67
C ILE D 38 27.11 -25.79 17.31
N MET D 39 28.39 -25.71 16.97
CA MET D 39 29.31 -24.81 17.65
C MET D 39 29.80 -23.75 16.69
N ASP D 40 29.69 -22.50 17.10
CA ASP D 40 30.26 -21.40 16.34
C ASP D 40 31.76 -21.47 16.44
N VAL D 41 32.45 -21.35 15.30
CA VAL D 41 33.90 -21.41 15.25
C VAL D 41 34.40 -20.29 14.36
N VAL D 42 35.52 -19.68 14.74
CA VAL D 42 36.06 -18.53 14.02
C VAL D 42 37.32 -18.86 13.26
N ASN D 43 37.82 -20.10 13.33
CA ASN D 43 38.97 -20.49 12.52
C ASN D 43 38.98 -22.00 12.40
N ALA D 44 39.97 -22.51 11.67
CA ALA D 44 40.07 -23.95 11.43
C ALA D 44 40.42 -24.71 12.69
N GLU D 45 41.22 -24.12 13.59
CA GLU D 45 41.62 -24.83 14.80
C GLU D 45 40.42 -25.05 15.71
N GLN D 46 39.60 -24.02 15.90
CA GLN D 46 38.38 -24.18 16.67
C GLN D 46 37.43 -25.17 16.01
N ALA D 47 37.37 -25.15 14.67
CA ALA D 47 36.52 -26.09 13.96
C ALA D 47 36.95 -27.51 14.25
N ARG D 48 38.25 -27.78 14.27
N ARG D 48 38.26 -27.78 14.23
CA ARG D 48 38.71 -29.13 14.59
CA ARG D 48 38.77 -29.10 14.60
C ARG D 48 38.43 -29.48 16.05
C ARG D 48 38.37 -29.45 16.03
N ILE D 49 38.60 -28.52 16.95
CA ILE D 49 38.25 -28.76 18.35
C ILE D 49 36.78 -29.12 18.47
N ALA D 50 35.92 -28.35 17.80
CA ALA D 50 34.48 -28.63 17.82
C ALA D 50 34.19 -30.02 17.29
N GLU D 51 34.77 -30.39 16.14
CA GLU D 51 34.50 -31.70 15.57
C GLU D 51 35.01 -32.81 16.48
N GLU D 52 36.20 -32.63 17.04
CA GLU D 52 36.78 -33.65 17.93
C GLU D 52 35.98 -33.77 19.22
N ALA D 53 35.35 -32.70 19.67
CA ALA D 53 34.51 -32.77 20.87
C ALA D 53 33.19 -33.46 20.60
N GLY D 54 32.85 -33.70 19.34
CA GLY D 54 31.62 -34.36 19.00
C GLY D 54 30.52 -33.46 18.48
N ALA D 55 30.82 -32.23 18.08
CA ALA D 55 29.83 -31.36 17.46
C ALA D 55 29.23 -32.03 16.23
N CYS D 56 27.93 -31.82 16.03
CA CYS D 56 27.29 -32.35 14.83
C CYS D 56 27.48 -31.43 13.63
N ALA D 57 27.86 -30.17 13.86
CA ALA D 57 28.12 -29.21 12.80
C ALA D 57 28.84 -28.03 13.43
N VAL D 58 29.47 -27.24 12.58
CA VAL D 58 30.08 -26.00 13.03
C VAL D 58 29.43 -24.84 12.30
N MET D 59 29.36 -23.70 12.99
CA MET D 59 28.88 -22.45 12.42
C MET D 59 30.11 -21.58 12.18
N ALA D 60 30.48 -21.42 10.91
CA ALA D 60 31.68 -20.67 10.59
C ALA D 60 31.35 -19.19 10.59
N LEU D 61 32.11 -18.40 11.33
CA LEU D 61 31.87 -16.95 11.35
C LEU D 61 33.12 -16.25 11.83
N GLU D 62 33.28 -15.00 11.42
CA GLU D 62 34.46 -14.24 11.81
C GLU D 62 34.42 -13.88 13.30
N ARG D 63 33.24 -13.59 13.86
CA ARG D 63 33.15 -13.27 15.28
C ARG D 63 31.87 -13.83 15.87
N VAL D 64 31.97 -14.39 17.08
CA VAL D 64 30.85 -15.03 17.75
C VAL D 64 29.90 -13.94 18.28
N PRO D 65 28.66 -14.30 18.62
CA PRO D 65 27.70 -13.25 19.05
C PRO D 65 28.18 -12.39 20.21
N ALA D 66 28.87 -12.98 21.20
CA ALA D 66 29.32 -12.18 22.34
C ALA D 66 30.23 -11.05 21.88
N ASP D 67 31.07 -11.31 20.88
CA ASP D 67 31.96 -10.27 20.37
C ASP D 67 31.25 -9.28 19.45
N ILE D 68 30.32 -9.76 18.62
CA ILE D 68 29.49 -8.84 17.84
C ILE D 68 28.78 -7.88 18.77
N ARG D 69 28.15 -8.42 19.82
CA ARG D 69 27.45 -7.61 20.80
C ARG D 69 28.37 -6.57 21.44
N ALA D 70 29.57 -6.99 21.83
CA ALA D 70 30.46 -6.10 22.55
C ALA D 70 31.12 -5.08 21.63
N GLN D 71 31.52 -5.50 20.43
CA GLN D 71 32.27 -4.61 19.55
C GLN D 71 31.37 -3.69 18.72
N GLY D 72 30.11 -4.05 18.53
CA GLY D 72 29.27 -3.24 17.67
C GLY D 72 29.75 -3.26 16.22
N GLY D 73 29.37 -2.20 15.49
CA GLY D 73 29.62 -2.13 14.07
C GLY D 73 28.60 -2.94 13.28
N VAL D 74 28.73 -2.89 11.96
CA VAL D 74 27.89 -3.70 11.09
C VAL D 74 28.47 -5.11 11.02
N ALA D 75 27.64 -6.11 11.29
CA ALA D 75 28.06 -7.51 11.24
C ALA D 75 27.45 -8.15 10.02
N ARG D 76 28.28 -8.76 9.18
CA ARG D 76 27.89 -9.22 7.87
C ARG D 76 28.28 -10.68 7.67
N MET D 77 27.92 -11.21 6.51
CA MET D 77 28.46 -12.49 6.05
C MET D 77 29.97 -12.51 6.19
N SER D 78 30.51 -13.65 6.58
CA SER D 78 31.95 -13.74 6.74
C SER D 78 32.62 -13.87 5.37
N ASP D 79 33.91 -13.59 5.34
CA ASP D 79 34.67 -13.70 4.11
C ASP D 79 34.62 -15.15 3.64
N PRO D 80 34.27 -15.40 2.37
CA PRO D 80 34.29 -16.78 1.85
C PRO D 80 35.59 -17.52 2.10
N GLN D 81 36.72 -16.81 2.13
CA GLN D 81 38.00 -17.46 2.34
C GLN D 81 38.07 -18.14 3.71
N MET D 82 37.62 -17.44 4.76
CA MET D 82 37.67 -18.04 6.08
C MET D 82 36.64 -19.14 6.23
N ILE D 83 35.52 -19.04 5.52
CA ILE D 83 34.53 -20.13 5.55
C ILE D 83 35.07 -21.36 4.87
N LYS D 84 35.72 -21.19 3.70
CA LYS D 84 36.32 -22.34 3.02
C LYS D 84 37.39 -22.98 3.88
N GLU D 85 38.21 -22.18 4.56
CA GLU D 85 39.22 -22.75 5.45
C GLU D 85 38.58 -23.66 6.49
N ILE D 86 37.44 -23.24 7.04
CA ILE D 86 36.78 -24.06 8.05
C ILE D 86 36.18 -25.31 7.43
N LYS D 87 35.52 -25.15 6.27
N LYS D 87 35.51 -25.18 6.27
CA LYS D 87 34.93 -26.29 5.56
CA LYS D 87 34.93 -26.36 5.64
C LYS D 87 35.97 -27.34 5.20
C LYS D 87 35.99 -27.37 5.25
N GLN D 88 37.19 -26.91 4.86
CA GLN D 88 38.26 -27.84 4.54
C GLN D 88 38.84 -28.50 5.79
N ALA D 89 38.70 -27.88 6.95
CA ALA D 89 39.31 -28.41 8.16
C ALA D 89 38.47 -29.48 8.84
N VAL D 90 37.23 -29.68 8.41
CA VAL D 90 36.33 -30.59 9.11
C VAL D 90 35.53 -31.41 8.12
N THR D 91 34.97 -32.51 8.63
CA THR D 91 34.11 -33.38 7.85
C THR D 91 32.64 -33.20 8.18
N ILE D 92 32.32 -32.70 9.37
CA ILE D 92 30.93 -32.48 9.77
C ILE D 92 30.38 -31.31 8.96
N PRO D 93 29.06 -31.17 8.86
CA PRO D 93 28.51 -30.06 8.06
C PRO D 93 28.95 -28.70 8.59
N VAL D 94 29.03 -27.74 7.67
CA VAL D 94 29.46 -26.39 7.98
C VAL D 94 28.30 -25.46 7.66
N MET D 95 27.93 -24.64 8.64
CA MET D 95 26.93 -23.60 8.45
C MET D 95 27.62 -22.26 8.44
N ALA D 96 26.92 -21.26 7.89
CA ALA D 96 27.41 -19.90 7.93
C ALA D 96 26.20 -18.96 7.94
N LYS D 97 26.44 -17.73 8.36
N LYS D 97 26.43 -17.73 8.38
CA LYS D 97 25.36 -16.77 8.58
CA LYS D 97 25.35 -16.77 8.61
C LYS D 97 25.25 -15.80 7.42
C LYS D 97 25.25 -15.79 7.46
N ALA D 98 24.01 -15.46 7.08
CA ALA D 98 23.72 -14.37 6.18
C ALA D 98 22.84 -13.38 6.95
N ARG D 99 23.03 -12.10 6.70
CA ARG D 99 22.12 -11.11 7.26
C ARG D 99 20.71 -11.37 6.81
N ILE D 100 19.75 -11.11 7.71
CA ILE D 100 18.35 -11.27 7.37
C ILE D 100 18.00 -10.42 6.17
N GLY D 101 17.40 -11.05 5.16
CA GLY D 101 17.03 -10.36 3.95
C GLY D 101 18.13 -10.25 2.93
N HIS D 102 19.36 -10.62 3.28
CA HIS D 102 20.48 -10.42 2.34
C HIS D 102 20.61 -11.66 1.46
N PHE D 103 19.74 -11.73 0.44
CA PHE D 103 19.73 -12.95 -0.36
C PHE D 103 20.98 -13.11 -1.21
N VAL D 104 21.73 -12.04 -1.44
CA VAL D 104 22.96 -12.23 -2.22
C VAL D 104 24.06 -12.81 -1.34
N GLU D 105 24.12 -12.39 -0.08
CA GLU D 105 25.02 -13.09 0.86
C GLU D 105 24.71 -14.58 0.86
N ALA D 106 23.41 -14.93 0.87
CA ALA D 106 23.05 -16.34 0.82
C ALA D 106 23.49 -16.99 -0.49
N GLN D 107 23.36 -16.28 -1.61
CA GLN D 107 23.81 -16.86 -2.88
C GLN D 107 25.30 -17.16 -2.84
N ILE D 108 26.08 -16.26 -2.25
CA ILE D 108 27.51 -16.48 -2.14
C ILE D 108 27.79 -17.69 -1.26
N LEU D 109 27.15 -17.73 -0.09
CA LEU D 109 27.35 -18.85 0.84
C LEU D 109 27.01 -20.18 0.18
N GLU D 110 25.89 -20.22 -0.55
CA GLU D 110 25.53 -21.43 -1.28
C GLU D 110 26.61 -21.81 -2.29
N ALA D 111 27.07 -20.82 -3.06
CA ALA D 111 28.09 -21.08 -4.07
C ALA D 111 29.41 -21.53 -3.46
N ILE D 112 29.65 -21.25 -2.17
CA ILE D 112 30.84 -21.75 -1.50
C ILE D 112 30.77 -23.26 -1.32
N GLY D 113 29.57 -23.82 -1.29
CA GLY D 113 29.42 -25.24 -1.08
C GLY D 113 29.26 -25.64 0.37
N ILE D 114 28.87 -24.71 1.25
CA ILE D 114 28.64 -25.11 2.63
C ILE D 114 27.30 -25.81 2.70
N ASP D 115 26.94 -26.26 3.90
CA ASP D 115 25.82 -27.18 4.04
C ASP D 115 24.54 -26.51 4.51
N TYR D 116 24.64 -25.44 5.29
CA TYR D 116 23.46 -24.73 5.80
C TYR D 116 23.76 -23.24 5.84
N ILE D 117 22.72 -22.44 5.63
CA ILE D 117 22.79 -21.00 5.84
C ILE D 117 21.88 -20.66 7.02
N ASP D 118 22.42 -19.96 7.99
CA ASP D 118 21.63 -19.43 9.09
C ASP D 118 21.35 -17.97 8.74
N GLU D 119 20.09 -17.67 8.43
CA GLU D 119 19.68 -16.29 8.19
C GLU D 119 19.49 -15.68 9.56
N SER D 120 20.47 -14.93 10.04
CA SER D 120 20.70 -14.76 11.47
C SER D 120 20.47 -13.33 11.92
N GLU D 121 19.65 -13.17 12.96
CA GLU D 121 19.45 -11.90 13.62
C GLU D 121 20.68 -11.44 14.38
N VAL D 122 21.69 -12.30 14.54
CA VAL D 122 22.90 -11.85 15.23
C VAL D 122 23.70 -10.93 14.32
N LEU D 123 23.61 -11.13 13.01
CA LEU D 123 24.20 -10.18 12.07
C LEU D 123 23.29 -8.97 11.94
N THR D 124 23.81 -7.92 11.33
CA THR D 124 23.04 -6.70 11.20
C THR D 124 21.90 -6.90 10.21
N LEU D 125 20.69 -6.60 10.64
CA LEU D 125 19.54 -6.71 9.75
C LEU D 125 19.81 -5.97 8.45
N ALA D 126 19.57 -6.66 7.32
CA ALA D 126 19.75 -6.03 6.00
C ALA D 126 18.45 -5.59 5.37
N ASP D 127 17.33 -6.18 5.76
CA ASP D 127 16.02 -5.86 5.19
C ASP D 127 15.04 -5.89 6.36
N GLU D 128 14.56 -4.72 6.75
CA GLU D 128 13.69 -4.63 7.91
C GLU D 128 12.35 -5.31 7.71
N ASP D 129 11.91 -5.47 6.47
CA ASP D 129 10.54 -5.92 6.21
C ASP D 129 10.45 -7.32 5.63
N HIS D 130 11.53 -7.88 5.10
CA HIS D 130 11.43 -9.15 4.40
C HIS D 130 12.62 -10.02 4.75
N HIS D 131 12.35 -11.32 4.90
CA HIS D 131 13.41 -12.30 4.99
C HIS D 131 13.76 -12.81 3.59
N ILE D 132 14.85 -13.58 3.52
CA ILE D 132 15.22 -14.23 2.28
C ILE D 132 14.14 -15.22 1.87
N ASN D 133 13.84 -15.23 0.57
CA ASN D 133 13.00 -16.27 0.01
C ASN D 133 13.84 -17.54 -0.09
N LYS D 134 13.78 -18.36 0.95
CA LYS D 134 14.73 -19.45 1.07
C LYS D 134 14.38 -20.62 0.15
N HIS D 135 13.14 -20.67 -0.35
CA HIS D 135 12.79 -21.68 -1.34
C HIS D 135 13.54 -21.49 -2.65
N ASN D 136 14.13 -20.33 -2.89
CA ASN D 136 14.93 -20.09 -4.09
C ASN D 136 16.29 -20.75 -4.05
N PHE D 137 16.64 -21.43 -2.96
CA PHE D 137 17.96 -21.99 -2.79
C PHE D 137 17.89 -23.51 -2.74
N ARG D 138 19.01 -24.14 -3.08
CA ARG D 138 19.15 -25.58 -2.94
C ARG D 138 19.60 -25.98 -1.55
N ILE D 139 20.38 -25.14 -0.89
CA ILE D 139 20.94 -25.40 0.44
C ILE D 139 19.88 -25.15 1.50
N PRO D 140 19.81 -25.95 2.56
CA PRO D 140 18.84 -25.68 3.62
C PRO D 140 19.23 -24.47 4.46
N PHE D 141 18.21 -23.80 4.98
CA PHE D 141 18.37 -22.65 5.85
C PHE D 141 17.92 -22.96 7.28
N VAL D 142 18.63 -22.36 8.24
CA VAL D 142 18.18 -22.22 9.61
C VAL D 142 17.71 -20.79 9.81
N CYS D 143 16.59 -20.62 10.49
CA CYS D 143 16.13 -19.30 10.94
C CYS D 143 15.81 -19.35 12.42
N GLY D 144 15.88 -18.18 13.08
CA GLY D 144 15.51 -18.06 14.46
C GLY D 144 14.04 -17.74 14.65
N CYS D 145 13.58 -17.88 15.89
CA CYS D 145 12.21 -17.54 16.22
C CYS D 145 12.13 -17.29 17.72
N ARG D 146 11.10 -16.54 18.11
CA ARG D 146 10.79 -16.37 19.52
C ARG D 146 9.45 -16.99 19.89
N ASN D 147 8.70 -17.47 18.91
CA ASN D 147 7.38 -17.99 19.18
C ASN D 147 6.98 -18.81 17.96
N LEU D 148 5.85 -19.52 18.08
CA LEU D 148 5.44 -20.45 17.04
C LEU D 148 5.09 -19.73 15.75
N GLY D 149 4.39 -18.60 15.84
CA GLY D 149 4.02 -17.88 14.63
C GLY D 149 5.25 -17.51 13.82
N GLU D 150 6.26 -16.96 14.49
CA GLU D 150 7.51 -16.62 13.83
C GLU D 150 8.16 -17.84 13.19
N ALA D 151 8.21 -18.95 13.92
CA ALA D 151 8.79 -20.17 13.38
C ALA D 151 8.06 -20.60 12.11
N LEU D 152 6.73 -20.57 12.16
CA LEU D 152 6.00 -21.01 10.98
C LEU D 152 6.18 -20.05 9.82
N ARG D 153 6.29 -18.74 10.08
CA ARG D 153 6.54 -17.81 8.98
C ARG D 153 7.89 -18.07 8.35
N ARG D 154 8.93 -18.31 9.16
CA ARG D 154 10.23 -18.66 8.63
C ARG D 154 10.18 -19.95 7.83
N ILE D 155 9.45 -20.95 8.34
CA ILE D 155 9.35 -22.21 7.62
C ILE D 155 8.67 -21.99 6.28
N ARG D 156 7.59 -21.21 6.25
CA ARG D 156 6.89 -21.02 4.98
C ARG D 156 7.78 -20.33 3.95
N GLU D 157 8.66 -19.44 4.40
CA GLU D 157 9.64 -18.83 3.52
C GLU D 157 10.69 -19.81 3.06
N GLY D 158 10.76 -20.99 3.65
CA GLY D 158 11.68 -22.01 3.20
C GLY D 158 12.71 -22.44 4.22
N ALA D 159 12.66 -21.97 5.47
CA ALA D 159 13.59 -22.48 6.47
C ALA D 159 13.37 -23.97 6.66
N ALA D 160 14.45 -24.74 6.60
CA ALA D 160 14.37 -26.18 6.81
C ALA D 160 14.63 -26.56 8.26
N MET D 161 14.94 -25.58 9.09
CA MET D 161 15.38 -25.83 10.45
C MET D 161 15.13 -24.57 11.25
N ILE D 162 14.68 -24.72 12.48
CA ILE D 162 14.35 -23.57 13.31
C ILE D 162 15.18 -23.66 14.58
N ARG D 163 15.69 -22.51 15.02
CA ARG D 163 16.27 -22.40 16.34
C ARG D 163 15.57 -21.28 17.09
N THR D 164 15.63 -21.32 18.41
CA THR D 164 15.21 -20.14 19.14
C THR D 164 16.22 -19.03 18.92
N LYS D 165 15.77 -17.80 19.15
CA LYS D 165 16.71 -16.69 19.09
C LYS D 165 17.47 -16.55 20.40
N GLY D 166 16.82 -16.86 21.52
N GLY D 166 16.79 -16.75 21.53
CA GLY D 166 17.41 -16.54 22.80
CA GLY D 166 17.38 -16.42 22.83
C GLY D 166 17.78 -15.07 22.86
C GLY D 166 17.95 -15.02 22.90
N GLU D 167 18.86 -14.79 23.57
N GLU D 167 18.88 -14.80 23.84
CA GLU D 167 19.51 -13.47 23.56
CA GLU D 167 19.73 -13.61 23.88
C GLU D 167 20.99 -13.78 23.33
C GLU D 167 21.11 -14.06 23.42
N ALA D 168 21.41 -13.77 22.07
N ALA D 168 21.44 -13.83 22.16
CA ALA D 168 22.68 -14.35 21.70
CA ALA D 168 22.70 -14.31 21.63
C ALA D 168 23.85 -13.56 22.28
C ALA D 168 23.87 -13.55 22.24
N GLY D 169 24.90 -14.29 22.66
CA GLY D 169 26.12 -13.67 23.16
C GLY D 169 26.08 -13.25 24.62
N THR D 170 24.98 -13.46 25.33
CA THR D 170 24.86 -13.03 26.72
C THR D 170 25.21 -14.12 27.73
N GLY D 171 25.32 -15.37 27.31
CA GLY D 171 25.46 -16.45 28.27
C GLY D 171 24.28 -16.60 29.21
N ASN D 172 23.15 -15.98 28.90
CA ASN D 172 21.96 -16.01 29.74
C ASN D 172 20.86 -16.75 29.00
N ILE D 173 20.41 -17.88 29.54
CA ILE D 173 19.43 -18.70 28.81
C ILE D 173 18.00 -18.26 29.00
N ILE D 174 17.74 -17.18 29.73
CA ILE D 174 16.35 -16.89 30.12
C ILE D 174 15.47 -16.67 28.90
N GLU D 175 15.98 -15.96 27.88
CA GLU D 175 15.12 -15.72 26.72
C GLU D 175 14.96 -16.98 25.89
N ALA D 176 16.02 -17.78 25.79
CA ALA D 176 15.92 -19.05 25.08
C ALA D 176 14.89 -19.95 25.76
N VAL D 177 14.91 -19.98 27.09
CA VAL D 177 13.89 -20.74 27.81
C VAL D 177 12.51 -20.19 27.47
N ARG D 178 12.37 -18.86 27.44
CA ARG D 178 11.09 -18.26 27.05
C ARG D 178 10.66 -18.73 25.67
N HIS D 179 11.59 -18.71 24.72
CA HIS D 179 11.26 -19.03 23.34
C HIS D 179 10.93 -20.51 23.19
N VAL D 180 11.72 -21.38 23.82
CA VAL D 180 11.42 -22.81 23.78
C VAL D 180 10.06 -23.08 24.39
N ARG D 181 9.80 -22.53 25.59
CA ARG D 181 8.51 -22.81 26.21
C ARG D 181 7.38 -22.21 25.39
N SER D 182 7.63 -21.08 24.72
CA SER D 182 6.58 -20.47 23.93
C SER D 182 6.22 -21.36 22.74
N VAL D 183 7.23 -21.75 21.96
CA VAL D 183 6.99 -22.60 20.81
C VAL D 183 6.35 -23.92 21.24
N ASN D 184 6.96 -24.61 22.20
CA ASN D 184 6.45 -25.92 22.64
C ASN D 184 5.07 -25.77 23.24
N GLY D 185 4.87 -24.73 24.04
CA GLY D 185 3.58 -24.54 24.69
C GLY D 185 2.47 -24.33 23.69
N ASP D 186 2.71 -23.49 22.66
CA ASP D 186 1.66 -23.26 21.66
C ASP D 186 1.45 -24.47 20.78
N ILE D 187 2.49 -25.26 20.51
CA ILE D 187 2.26 -26.51 19.78
C ILE D 187 1.36 -27.44 20.60
N ARG D 188 1.61 -27.52 21.91
N ARG D 188 1.58 -27.49 21.92
CA ARG D 188 0.80 -28.37 22.76
CA ARG D 188 0.78 -28.40 22.73
C ARG D 188 -0.64 -27.89 22.80
C ARG D 188 -0.64 -27.89 22.93
N VAL D 189 -0.83 -26.57 22.91
CA VAL D 189 -2.18 -26.01 22.86
C VAL D 189 -2.83 -26.35 21.53
N LEU D 190 -2.10 -26.13 20.45
CA LEU D 190 -2.60 -26.39 19.10
C LEU D 190 -3.03 -27.85 18.95
N ARG D 191 -2.23 -28.79 19.47
CA ARG D 191 -2.51 -30.20 19.27
C ARG D 191 -3.91 -30.59 19.73
N ASN D 192 -4.36 -30.01 20.83
CA ASN D 192 -5.64 -30.37 21.41
C ASN D 192 -6.75 -29.37 21.08
N MET D 193 -6.46 -28.37 20.26
CA MET D 193 -7.41 -27.29 20.03
C MET D 193 -8.58 -27.79 19.19
N ASP D 194 -9.78 -27.29 19.50
CA ASP D 194 -10.92 -27.43 18.60
C ASP D 194 -10.52 -27.03 17.19
N ASP D 195 -10.68 -27.95 16.22
CA ASP D 195 -10.31 -27.63 14.84
C ASP D 195 -10.96 -26.34 14.37
N ASP D 196 -12.18 -26.07 14.84
CA ASP D 196 -12.88 -24.87 14.37
C ASP D 196 -12.22 -23.59 14.86
N GLU D 197 -11.43 -23.66 15.92
CA GLU D 197 -10.76 -22.49 16.46
C GLU D 197 -9.41 -22.24 15.83
N VAL D 198 -8.93 -23.17 15.00
CA VAL D 198 -7.57 -23.05 14.48
C VAL D 198 -7.46 -21.92 13.46
N PHE D 199 -8.54 -21.61 12.74
CA PHE D 199 -8.49 -20.49 11.80
C PHE D 199 -8.12 -19.20 12.53
N THR D 200 -8.81 -18.94 13.64
CA THR D 200 -8.52 -17.74 14.41
C THR D 200 -7.15 -17.83 15.06
N PHE D 201 -6.75 -19.03 15.49
CA PHE D 201 -5.42 -19.19 16.06
C PHE D 201 -4.33 -18.85 15.05
N ALA D 202 -4.50 -19.31 13.80
CA ALA D 202 -3.52 -18.98 12.77
C ALA D 202 -3.48 -17.47 12.50
N LYS D 203 -4.65 -16.81 12.55
CA LYS D 203 -4.66 -15.36 12.41
C LYS D 203 -3.92 -14.71 13.56
N LYS D 204 -4.19 -15.17 14.78
CA LYS D 204 -3.54 -14.61 15.96
C LYS D 204 -2.04 -14.81 15.89
N LEU D 205 -1.59 -15.97 15.39
CA LEU D 205 -0.17 -16.24 15.22
C LEU D 205 0.43 -15.51 14.03
N ALA D 206 -0.40 -14.90 13.19
CA ALA D 206 0.01 -14.39 11.89
C ALA D 206 0.85 -15.43 11.15
N ALA D 207 0.33 -16.67 11.12
CA ALA D 207 1.01 -17.81 10.55
C ALA D 207 0.15 -18.46 9.46
N PRO D 208 0.76 -19.06 8.45
CA PRO D 208 -0.03 -19.71 7.39
C PRO D 208 -0.85 -20.84 7.96
N TYR D 209 -2.17 -20.78 7.72
CA TYR D 209 -3.07 -21.77 8.27
C TYR D 209 -2.63 -23.21 7.94
N ASP D 210 -2.23 -23.45 6.69
CA ASP D 210 -1.88 -24.81 6.29
C ASP D 210 -0.73 -25.36 7.12
N LEU D 211 0.29 -24.55 7.38
CA LEU D 211 1.39 -24.98 8.25
C LEU D 211 0.94 -25.14 9.69
N VAL D 212 0.04 -24.27 10.14
CA VAL D 212 -0.52 -24.44 11.48
C VAL D 212 -1.18 -25.81 11.60
N MET D 213 -1.99 -26.18 10.60
CA MET D 213 -2.65 -27.48 10.65
C MET D 213 -1.66 -28.62 10.55
N GLN D 214 -0.63 -28.46 9.71
CA GLN D 214 0.39 -29.50 9.61
C GLN D 214 1.07 -29.70 10.96
N THR D 215 1.35 -28.60 11.65
CA THR D 215 1.93 -28.67 12.99
C THR D 215 0.98 -29.35 13.96
N LYS D 216 -0.31 -29.02 13.88
CA LYS D 216 -1.29 -29.63 14.76
C LYS D 216 -1.31 -31.14 14.55
N GLN D 217 -1.28 -31.58 13.29
CA GLN D 217 -1.39 -33.01 13.01
C GLN D 217 -0.10 -33.73 13.38
N LEU D 218 1.04 -33.12 13.07
CA LEU D 218 2.32 -33.71 13.44
C LEU D 218 2.51 -33.76 14.95
N GLY D 219 1.99 -32.77 15.67
CA GLY D 219 2.19 -32.68 17.10
C GLY D 219 3.52 -32.08 17.50
N ARG D 220 4.29 -31.57 16.55
CA ARG D 220 5.55 -30.91 16.84
C ARG D 220 5.86 -30.00 15.66
N LEU D 221 6.92 -29.23 15.79
CA LEU D 221 7.31 -28.37 14.69
C LEU D 221 7.64 -29.22 13.46
N PRO D 222 7.23 -28.78 12.26
CA PRO D 222 7.45 -29.60 11.06
C PRO D 222 8.89 -29.64 10.60
N VAL D 223 9.81 -28.97 11.29
CA VAL D 223 11.23 -29.04 10.98
C VAL D 223 11.97 -29.21 12.30
N VAL D 224 13.23 -29.63 12.18
CA VAL D 224 14.09 -29.73 13.35
C VAL D 224 14.11 -28.42 14.12
N GLN D 225 14.07 -28.53 15.44
CA GLN D 225 13.91 -27.37 16.31
C GLN D 225 15.03 -27.37 17.35
N PHE D 226 15.97 -26.45 17.21
CA PHE D 226 17.12 -26.35 18.10
C PHE D 226 16.97 -25.21 19.08
N ALA D 227 17.59 -25.35 20.24
CA ALA D 227 17.74 -24.24 21.17
C ALA D 227 18.97 -23.43 20.81
N ALA D 228 18.88 -22.12 20.98
CA ALA D 228 20.01 -21.26 20.68
C ALA D 228 19.88 -19.95 21.44
N GLY D 229 21.01 -19.40 21.84
CA GLY D 229 21.04 -18.11 22.52
C GLY D 229 21.32 -18.26 23.99
N GLY D 230 22.57 -18.03 24.39
CA GLY D 230 22.91 -17.97 25.79
C GLY D 230 23.26 -19.28 26.45
N VAL D 231 23.27 -20.39 25.71
CA VAL D 231 23.60 -21.69 26.28
C VAL D 231 25.08 -21.66 26.69
N ALA D 232 25.33 -21.64 27.99
CA ALA D 232 26.68 -21.44 28.50
C ALA D 232 27.27 -22.65 29.20
N THR D 233 26.44 -23.54 29.74
CA THR D 233 26.89 -24.63 30.60
C THR D 233 26.27 -25.93 30.14
N PRO D 234 26.88 -27.06 30.50
CA PRO D 234 26.22 -28.35 30.26
C PRO D 234 24.82 -28.41 30.82
N ALA D 235 24.60 -27.85 32.03
CA ALA D 235 23.26 -27.82 32.58
C ALA D 235 22.30 -27.06 31.68
N ASP D 236 22.74 -25.91 31.14
CA ASP D 236 21.93 -25.16 30.19
C ASP D 236 21.52 -26.04 29.01
N ALA D 237 22.50 -26.71 28.41
CA ALA D 237 22.24 -27.50 27.21
C ALA D 237 21.29 -28.64 27.50
N ALA D 238 21.53 -29.36 28.61
CA ALA D 238 20.65 -30.45 28.99
C ALA D 238 19.25 -29.93 29.29
N LEU D 239 19.14 -28.72 29.85
CA LEU D 239 17.82 -28.16 30.11
C LEU D 239 17.03 -27.97 28.83
N MET D 240 17.68 -27.41 27.80
CA MET D 240 17.02 -27.25 26.51
C MET D 240 16.54 -28.57 25.96
N MET D 241 17.36 -29.62 26.08
CA MET D 241 16.93 -30.93 25.59
C MET D 241 15.78 -31.48 26.42
N GLN D 242 15.82 -31.28 27.74
CA GLN D 242 14.71 -31.76 28.56
C GLN D 242 13.43 -30.99 28.28
N LEU D 243 13.55 -29.73 27.86
CA LEU D 243 12.37 -28.98 27.47
C LEU D 243 11.79 -29.48 26.15
N GLY D 244 12.58 -30.19 25.35
CA GLY D 244 12.05 -30.86 24.18
C GLY D 244 12.75 -30.51 22.87
N CYS D 245 13.86 -29.77 22.95
CA CYS D 245 14.56 -29.38 21.73
C CYS D 245 15.26 -30.58 21.09
N ASP D 246 15.53 -30.45 19.80
CA ASP D 246 16.22 -31.48 19.03
C ASP D 246 17.72 -31.37 19.13
N GLY D 247 18.24 -30.29 19.71
CA GLY D 247 19.66 -30.01 19.70
C GLY D 247 19.86 -28.58 20.16
N VAL D 248 21.13 -28.18 20.22
CA VAL D 248 21.46 -26.85 20.74
C VAL D 248 22.55 -26.25 19.87
N PHE D 249 22.48 -24.92 19.70
CA PHE D 249 23.60 -24.12 19.22
C PHE D 249 24.35 -23.57 20.43
N VAL D 250 25.66 -23.52 20.33
CA VAL D 250 26.49 -22.81 21.31
C VAL D 250 27.42 -21.91 20.51
N GLY D 251 27.17 -20.61 20.59
CA GLY D 251 27.95 -19.66 19.81
C GLY D 251 29.14 -19.11 20.55
N SER D 252 28.90 -18.58 21.74
CA SER D 252 29.92 -17.90 22.51
C SER D 252 30.35 -18.67 23.75
N GLY D 253 29.50 -19.57 24.25
CA GLY D 253 29.74 -20.18 25.55
C GLY D 253 30.99 -21.04 25.62
N ILE D 254 31.44 -21.57 24.49
CA ILE D 254 32.55 -22.52 24.53
C ILE D 254 33.89 -21.79 24.44
N PHE D 255 34.11 -21.04 23.36
CA PHE D 255 35.43 -20.46 23.15
C PHE D 255 35.61 -19.12 23.87
N LYS D 256 34.54 -18.54 24.41
CA LYS D 256 34.67 -17.42 25.34
C LYS D 256 34.73 -17.89 26.80
N SER D 257 34.96 -19.17 27.04
CA SER D 257 35.10 -19.73 28.38
C SER D 257 36.55 -20.12 28.65
N GLY D 258 36.80 -20.52 29.89
CA GLY D 258 38.12 -20.89 30.38
C GLY D 258 38.80 -22.00 29.61
N ASP D 259 38.17 -23.18 29.54
CA ASP D 259 38.70 -24.31 28.78
C ASP D 259 37.73 -24.70 27.68
N PRO D 260 37.87 -24.14 26.47
CA PRO D 260 36.92 -24.45 25.39
C PRO D 260 36.81 -25.93 25.03
N ALA D 261 37.92 -26.61 24.75
CA ALA D 261 37.81 -28.00 24.29
C ALA D 261 37.12 -28.89 25.31
N ARG D 262 37.36 -28.64 26.60
CA ARG D 262 36.69 -29.43 27.62
C ARG D 262 35.22 -29.05 27.75
N ARG D 263 34.91 -27.75 27.68
CA ARG D 263 33.52 -27.35 27.75
C ARG D 263 32.76 -27.83 26.53
N ALA D 264 33.43 -27.84 25.37
CA ALA D 264 32.82 -28.34 24.14
C ALA D 264 32.43 -29.80 24.28
N ARG D 265 33.36 -30.64 24.75
CA ARG D 265 33.02 -32.04 24.99
C ARG D 265 31.93 -32.17 26.05
N ALA D 266 31.99 -31.35 27.09
CA ALA D 266 31.01 -31.46 28.16
C ALA D 266 29.61 -31.12 27.67
N ILE D 267 29.48 -30.09 26.84
CA ILE D 267 28.17 -29.72 26.34
C ILE D 267 27.64 -30.79 25.38
N VAL D 268 28.53 -31.36 24.56
CA VAL D 268 28.14 -32.46 23.68
C VAL D 268 27.63 -33.64 24.50
N GLN D 269 28.37 -34.00 25.55
CA GLN D 269 27.94 -35.08 26.44
C GLN D 269 26.61 -34.75 27.10
N ALA D 270 26.45 -33.50 27.54
CA ALA D 270 25.21 -33.11 28.18
C ALA D 270 24.02 -33.24 27.24
N VAL D 271 24.22 -32.93 25.95
CA VAL D 271 23.12 -33.03 25.01
C VAL D 271 22.84 -34.49 24.68
N THR D 272 23.89 -35.29 24.54
CA THR D 272 23.71 -36.72 24.28
C THR D 272 23.11 -37.44 25.49
N HIS D 273 23.45 -37.01 26.71
CA HIS D 273 23.00 -37.72 27.90
C HIS D 273 22.19 -36.80 28.81
N TYR D 274 21.23 -36.08 28.23
CA TYR D 274 20.59 -34.98 28.96
C TYR D 274 19.73 -35.44 30.11
N SER D 275 19.33 -36.71 30.16
CA SER D 275 18.50 -37.19 31.27
C SER D 275 19.29 -37.93 32.33
N ASP D 276 20.62 -37.89 32.26
CA ASP D 276 21.47 -38.60 33.21
C ASP D 276 22.17 -37.62 34.13
N PRO D 277 21.64 -37.36 35.33
CA PRO D 277 22.29 -36.38 36.21
C PRO D 277 23.70 -36.76 36.62
N GLU D 278 23.99 -38.05 36.78
CA GLU D 278 25.35 -38.46 37.12
C GLU D 278 26.33 -38.03 36.04
N MET D 279 25.95 -38.18 34.77
CA MET D 279 26.80 -37.71 33.69
C MET D 279 26.92 -36.19 33.70
N LEU D 280 25.82 -35.49 33.95
CA LEU D 280 25.87 -34.03 33.99
C LEU D 280 26.77 -33.54 35.12
N VAL D 281 26.75 -34.22 36.26
CA VAL D 281 27.70 -33.92 37.32
C VAL D 281 29.12 -34.11 36.83
N GLU D 282 29.40 -35.28 36.24
CA GLU D 282 30.76 -35.61 35.81
C GLU D 282 31.30 -34.56 34.84
N VAL D 283 30.55 -34.26 33.79
CA VAL D 283 31.05 -33.35 32.76
C VAL D 283 31.09 -31.90 33.26
N SER D 284 30.28 -31.55 34.27
CA SER D 284 30.32 -30.20 34.83
C SER D 284 31.38 -30.04 35.89
N CYS D 285 31.89 -31.13 36.45
CA CYS D 285 32.76 -31.06 37.61
C CYS D 285 34.13 -30.52 37.19
N GLY D 286 34.54 -29.41 37.81
CA GLY D 286 35.82 -28.81 37.50
C GLY D 286 35.93 -28.27 36.09
N LEU D 287 34.83 -27.79 35.54
CA LEU D 287 34.82 -27.40 34.14
C LEU D 287 35.52 -26.06 33.89
N GLY D 288 35.89 -25.34 34.94
CA GLY D 288 36.51 -24.05 34.77
C GLY D 288 35.48 -22.95 34.68
N GLU D 289 35.96 -21.78 34.29
CA GLU D 289 35.15 -20.57 34.30
C GLU D 289 34.24 -20.55 33.06
N ALA D 290 32.93 -20.41 33.29
CA ALA D 290 32.03 -20.17 32.18
C ALA D 290 32.23 -18.75 31.64
N MET D 291 31.61 -18.46 30.50
CA MET D 291 31.64 -17.09 30.00
C MET D 291 30.93 -16.17 30.99
N VAL D 292 31.45 -14.95 31.12
CA VAL D 292 30.88 -14.04 32.10
C VAL D 292 29.48 -13.60 31.68
N GLY D 293 29.30 -13.27 30.41
CA GLY D 293 28.00 -12.89 29.89
C GLY D 293 27.48 -11.58 30.46
#